data_4P8Y
#
_entry.id   4P8Y
#
_cell.length_a   77.064
_cell.length_b   83.312
_cell.length_c   80.659
_cell.angle_alpha   90.00
_cell.angle_beta   103.00
_cell.angle_gamma   90.00
#
_symmetry.space_group_name_H-M   'P 1 21 1'
#
loop_
_entity.id
_entity.type
_entity.pdbx_description
1 polymer 'Probable decaprenylphosphoryl-beta-D-ribose oxidase'
2 non-polymer 'FLAVIN-ADENINE DINUCLEOTIDE'
3 non-polymer '3-[(4-methoxybenzyl)amino]-6-(trifluoromethyl)quinoxaline-2-carboxylic acid'
4 non-polymer IMIDAZOLE
5 water water
#
_entity_poly.entity_id   1
_entity_poly.type   'polypeptide(L)'
_entity_poly.pdbx_seq_one_letter_code
;GSSHHHHHHSSGLVPRGSHMLSVGATTTATRLTGWGRTAPSVANVLRTPDAEMIVKAVARVAESGGGRGAIARGLGRSYG
DNAQNGGGLVIDMTPLNTIHSIDADTKLVDIDAGVNLDQLMKAALPFGLWVPVLPGTRQVTVGGAIACDIHGKNHHSAGS
FGNHVRSMDLLTADGEIRHLTPTGEDAELFWATVGGNGLTGIIMRATIEMTPTSTAYFIADGDVTASLDETIALHSDGSE
ARYTYSSAWFDAISAPPKLGRAAVSRGRLATVEQLPAKLRSEPLKFDAPQLLTLPDVFPNGLANKYTFGPIGELWYRKSG
TYRGKVQNLTQFYHPLDMFGEWNRAYGPAGFLQYQFVIPTEAVDEFKKIIGVIQASGHYSFLNVFKLFGPRNQAPLSFPI
PGWNICVDFPIKDGLGKFVSELDRRVLEFGGRLYTAKDSRTTAETFHAMYPRVDEWISVRRKVDPLRVFASDMARRLELL
;
_entity_poly.pdbx_strand_id   A,B
#
loop_
_chem_comp.id
_chem_comp.type
_chem_comp.name
_chem_comp.formula
38C non-polymer '3-[(4-methoxybenzyl)amino]-6-(trifluoromethyl)quinoxaline-2-carboxylic acid' 'C18 H14 F3 N3 O3'
FAD non-polymer 'FLAVIN-ADENINE DINUCLEOTIDE' 'C27 H33 N9 O15 P2'
IMD non-polymer IMIDAZOLE 'C3 H5 N2 1'
#
# COMPACT_ATOMS: atom_id res chain seq x y z
N VAL A 23 -19.23 -9.49 -9.82
CA VAL A 23 -19.52 -9.55 -11.29
C VAL A 23 -19.38 -10.98 -11.79
N GLY A 24 -20.35 -11.42 -12.59
CA GLY A 24 -20.43 -12.80 -13.05
C GLY A 24 -19.48 -13.20 -14.17
N ALA A 25 -19.55 -14.47 -14.53
CA ALA A 25 -18.80 -15.02 -15.66
C ALA A 25 -19.30 -14.43 -16.97
N THR A 26 -18.39 -14.39 -17.96
CA THR A 26 -18.69 -13.93 -19.30
C THR A 26 -17.76 -14.66 -20.27
N THR A 27 -18.35 -15.44 -21.18
CA THR A 27 -17.60 -16.07 -22.26
C THR A 27 -17.94 -15.44 -23.62
N THR A 28 -17.00 -14.67 -24.15
CA THR A 28 -17.21 -13.91 -25.37
C THR A 28 -16.19 -14.30 -26.44
N ALA A 29 -16.67 -14.45 -27.68
CA ALA A 29 -15.77 -14.62 -28.81
C ALA A 29 -15.04 -13.30 -29.02
N THR A 30 -13.71 -13.33 -28.91
CA THR A 30 -12.92 -12.10 -28.96
C THR A 30 -11.73 -12.22 -29.92
N ARG A 31 -11.50 -11.16 -30.68
CA ARG A 31 -10.34 -11.05 -31.56
C ARG A 31 -9.17 -10.55 -30.71
N LEU A 32 -8.16 -11.41 -30.55
CA LEU A 32 -7.04 -11.11 -29.67
C LEU A 32 -5.70 -11.02 -30.41
N THR A 33 -4.88 -10.06 -30.00
CA THR A 33 -3.48 -9.94 -30.44
C THR A 33 -2.63 -9.64 -29.21
N GLY A 34 -1.33 -9.89 -29.31
CA GLY A 34 -0.38 -9.41 -28.31
C GLY A 34 -0.23 -7.91 -28.44
N TRP A 35 0.68 -7.33 -27.67
CA TRP A 35 0.91 -5.88 -27.65
C TRP A 35 1.31 -5.33 -29.01
N GLY A 36 1.86 -6.19 -29.86
CA GLY A 36 2.32 -5.81 -31.18
C GLY A 36 1.23 -5.68 -32.24
N ARG A 37 -0.02 -5.95 -31.84
CA ARG A 37 -1.18 -5.83 -32.73
C ARG A 37 -0.99 -6.57 -34.06
N THR A 38 -0.48 -7.80 -33.98
CA THR A 38 -0.23 -8.61 -35.17
C THR A 38 -0.74 -10.04 -34.93
N ALA A 39 -0.79 -10.83 -36.00
CA ALA A 39 -1.27 -12.23 -35.96
C ALA A 39 -2.54 -12.44 -35.09
N PRO A 40 -3.64 -11.76 -35.45
CA PRO A 40 -4.89 -11.89 -34.68
C PRO A 40 -5.53 -13.26 -34.83
N SER A 41 -6.25 -13.71 -33.80
CA SER A 41 -7.00 -14.97 -33.87
C SER A 41 -8.18 -14.93 -32.90
N VAL A 42 -9.26 -15.64 -33.25
CA VAL A 42 -10.50 -15.58 -32.48
C VAL A 42 -10.60 -16.74 -31.51
N ALA A 43 -10.87 -16.40 -30.25
CA ALA A 43 -11.01 -17.36 -29.19
C ALA A 43 -12.17 -16.97 -28.27
N ASN A 44 -12.70 -17.94 -27.54
CA ASN A 44 -13.66 -17.66 -26.47
C ASN A 44 -12.94 -17.18 -25.21
N VAL A 45 -13.15 -15.92 -24.85
CA VAL A 45 -12.54 -15.34 -23.66
C VAL A 45 -13.47 -15.48 -22.44
N LEU A 46 -13.11 -16.41 -21.55
CA LEU A 46 -13.76 -16.52 -20.25
C LEU A 46 -13.18 -15.46 -19.32
N ARG A 47 -14.07 -14.75 -18.63
CA ARG A 47 -13.67 -13.71 -17.69
C ARG A 47 -14.51 -13.82 -16.42
N THR A 48 -13.87 -14.22 -15.33
CA THR A 48 -14.55 -14.40 -14.05
C THR A 48 -13.61 -14.23 -12.87
N PRO A 49 -14.06 -13.57 -11.79
CA PRO A 49 -13.28 -13.54 -10.55
C PRO A 49 -13.48 -14.81 -9.72
N ASP A 50 -14.24 -15.76 -10.24
CA ASP A 50 -14.52 -16.99 -9.51
C ASP A 50 -13.56 -18.13 -9.89
N ALA A 51 -12.70 -18.49 -8.94
CA ALA A 51 -11.72 -19.56 -9.12
C ALA A 51 -12.36 -20.91 -9.46
N GLU A 52 -13.47 -21.22 -8.80
CA GLU A 52 -14.23 -22.46 -9.05
C GLU A 52 -14.63 -22.57 -10.51
N MET A 53 -15.03 -21.44 -11.09
CA MET A 53 -15.47 -21.39 -12.48
C MET A 53 -14.33 -21.64 -13.47
N ILE A 54 -13.14 -21.16 -13.12
CA ILE A 54 -11.94 -21.39 -13.92
C ILE A 54 -11.62 -22.89 -13.90
N VAL A 55 -11.67 -23.48 -12.71
CA VAL A 55 -11.43 -24.92 -12.53
C VAL A 55 -12.41 -25.74 -13.37
N LYS A 56 -13.67 -25.33 -13.38
CA LYS A 56 -14.71 -26.02 -14.16
C LYS A 56 -14.49 -25.95 -15.67
N ALA A 57 -14.03 -24.80 -16.16
CA ALA A 57 -13.72 -24.63 -17.58
C ALA A 57 -12.58 -25.55 -18.03
N VAL A 58 -11.59 -25.71 -17.17
CA VAL A 58 -10.45 -26.57 -17.46
C VAL A 58 -10.87 -28.04 -17.38
N ALA A 59 -11.77 -28.34 -16.44
CA ALA A 59 -12.37 -29.66 -16.34
C ALA A 59 -13.22 -29.93 -17.58
N ARG A 60 -13.90 -28.89 -18.07
CA ARG A 60 -14.67 -28.95 -19.30
C ARG A 60 -13.81 -29.23 -20.53
N VAL A 61 -12.82 -28.40 -20.78
CA VAL A 61 -11.90 -28.60 -21.91
C VAL A 61 -11.30 -30.00 -21.85
N ALA A 62 -10.97 -30.46 -20.64
CA ALA A 62 -10.31 -31.75 -20.44
C ALA A 62 -11.22 -32.97 -20.60
N GLU A 63 -12.52 -32.81 -20.33
CA GLU A 63 -13.51 -33.89 -20.54
C GLU A 63 -13.63 -34.21 -22.03
N SER A 64 -13.36 -33.20 -22.85
CA SER A 64 -13.55 -33.27 -24.30
C SER A 64 -12.99 -34.54 -24.99
N GLY A 65 -11.74 -34.97 -24.72
CA GLY A 65 -10.75 -34.26 -23.88
C GLY A 65 -9.64 -33.69 -24.74
N GLY A 66 -9.77 -33.95 -26.04
CA GLY A 66 -8.92 -33.34 -27.05
C GLY A 66 -9.79 -32.37 -27.86
N GLY A 67 -9.35 -31.10 -27.90
CA GLY A 67 -10.02 -30.04 -28.66
C GLY A 67 -8.92 -29.07 -29.00
N ARG A 68 -9.24 -27.78 -29.06
CA ARG A 68 -8.19 -26.78 -29.28
C ARG A 68 -7.67 -26.11 -27.99
N GLY A 69 -8.08 -26.68 -26.85
CA GLY A 69 -7.50 -26.36 -25.55
C GLY A 69 -7.74 -24.98 -24.96
N ALA A 70 -6.93 -24.63 -23.97
CA ALA A 70 -7.04 -23.33 -23.28
C ALA A 70 -5.67 -22.74 -22.89
N ILE A 71 -5.62 -21.42 -22.75
CA ILE A 71 -4.42 -20.73 -22.27
C ILE A 71 -4.82 -19.56 -21.39
N ALA A 72 -4.06 -19.32 -20.31
CA ALA A 72 -4.27 -18.11 -19.53
C ALA A 72 -3.85 -16.86 -20.29
N ARG A 73 -4.52 -15.76 -19.98
CA ARG A 73 -4.13 -14.44 -20.46
C ARG A 73 -4.05 -13.50 -19.28
N GLY A 74 -3.02 -12.68 -19.28
CA GLY A 74 -2.88 -11.65 -18.25
C GLY A 74 -3.29 -10.30 -18.81
N LEU A 75 -2.37 -9.33 -18.76
CA LEU A 75 -2.67 -7.98 -19.23
C LEU A 75 -2.36 -7.77 -20.72
N GLY A 76 -2.00 -8.86 -21.40
CA GLY A 76 -1.67 -8.81 -22.82
C GLY A 76 -0.47 -7.95 -23.21
N ARG A 77 0.49 -7.79 -22.30
CA ARG A 77 1.68 -6.98 -22.62
C ARG A 77 2.74 -7.72 -23.44
N SER A 78 2.64 -9.03 -23.58
CA SER A 78 3.54 -9.74 -24.49
C SER A 78 3.24 -9.32 -25.91
N TYR A 79 4.29 -9.11 -26.70
CA TYR A 79 4.14 -8.59 -28.06
C TYR A 79 3.57 -9.62 -29.03
N GLY A 80 3.92 -10.88 -28.82
CA GLY A 80 3.55 -11.94 -29.74
C GLY A 80 2.28 -12.69 -29.39
N ASP A 81 2.31 -13.99 -29.63
CA ASP A 81 1.09 -14.80 -29.67
C ASP A 81 0.99 -15.85 -28.56
N ASN A 82 1.68 -15.63 -27.44
CA ASN A 82 1.64 -16.61 -26.35
C ASN A 82 0.37 -16.60 -25.50
N ALA A 83 -0.37 -15.50 -25.51
CA ALA A 83 -1.60 -15.35 -24.72
C ALA A 83 -2.87 -15.36 -25.56
N GLN A 84 -2.80 -16.02 -26.71
CA GLN A 84 -3.99 -16.25 -27.53
C GLN A 84 -4.12 -17.72 -27.94
N ASN A 85 -5.32 -18.11 -28.32
CA ASN A 85 -5.57 -19.48 -28.67
C ASN A 85 -6.72 -19.60 -29.69
N GLY A 86 -6.42 -19.27 -30.94
CA GLY A 86 -7.40 -19.28 -32.05
C GLY A 86 -8.24 -20.53 -32.13
N GLY A 87 -9.57 -20.34 -32.08
CA GLY A 87 -10.51 -21.45 -32.15
C GLY A 87 -10.68 -22.21 -30.86
N GLY A 88 -10.03 -21.75 -29.80
CA GLY A 88 -10.12 -22.40 -28.50
C GLY A 88 -10.49 -21.40 -27.42
N LEU A 89 -10.18 -21.75 -26.17
CA LEU A 89 -10.51 -20.90 -25.03
C LEU A 89 -9.28 -20.12 -24.54
N VAL A 90 -9.55 -18.89 -24.12
CA VAL A 90 -8.59 -18.05 -23.42
C VAL A 90 -9.23 -17.66 -22.08
N ILE A 91 -8.46 -17.74 -20.99
CA ILE A 91 -8.97 -17.38 -19.66
C ILE A 91 -8.29 -16.10 -19.16
N ASP A 92 -9.05 -15.00 -19.15
CA ASP A 92 -8.57 -13.72 -18.65
C ASP A 92 -8.46 -13.74 -17.13
N MET A 93 -7.22 -13.66 -16.63
CA MET A 93 -6.94 -13.84 -15.20
C MET A 93 -6.99 -12.55 -14.39
N THR A 94 -7.11 -11.41 -15.09
CA THR A 94 -7.09 -10.10 -14.44
C THR A 94 -8.15 -9.86 -13.36
N PRO A 95 -9.33 -10.52 -13.44
CA PRO A 95 -10.27 -10.36 -12.31
C PRO A 95 -9.87 -11.07 -11.01
N LEU A 96 -8.96 -12.05 -11.07
CA LEU A 96 -8.43 -12.66 -9.84
C LEU A 96 -7.25 -11.82 -9.37
N ASN A 97 -7.55 -10.72 -8.70
CA ASN A 97 -6.54 -9.72 -8.39
C ASN A 97 -6.47 -9.38 -6.91
N THR A 98 -6.72 -10.37 -6.07
CA THR A 98 -6.69 -10.16 -4.63
C THR A 98 -5.25 -10.28 -4.11
N ILE A 99 -4.84 -9.28 -3.33
CA ILE A 99 -3.68 -9.40 -2.49
C ILE A 99 -4.16 -10.00 -1.17
N HIS A 100 -3.78 -11.24 -0.88
CA HIS A 100 -4.23 -11.91 0.34
C HIS A 100 -3.48 -11.45 1.56
N SER A 101 -2.15 -11.35 1.46
CA SER A 101 -1.38 -10.83 2.58
C SER A 101 -0.01 -10.33 2.16
N ILE A 102 0.49 -9.39 2.95
CA ILE A 102 1.86 -8.92 2.84
C ILE A 102 2.38 -8.97 4.27
N ASP A 103 3.59 -9.51 4.44
CA ASP A 103 4.24 -9.59 5.75
C ASP A 103 5.64 -8.95 5.67
N ALA A 104 5.90 -7.93 6.48
CA ALA A 104 7.20 -7.26 6.45
C ALA A 104 8.28 -8.11 7.10
N ASP A 105 7.89 -8.95 8.05
CA ASP A 105 8.85 -9.77 8.79
C ASP A 105 9.39 -10.92 7.95
N THR A 106 8.50 -11.67 7.30
CA THR A 106 8.92 -12.76 6.43
C THR A 106 9.29 -12.25 5.02
N LYS A 107 8.93 -11.01 4.68
CA LYS A 107 9.10 -10.43 3.34
C LYS A 107 8.25 -11.11 2.26
N LEU A 108 7.27 -11.91 2.67
CA LEU A 108 6.44 -12.66 1.71
C LEU A 108 5.13 -11.95 1.36
N VAL A 109 4.75 -12.00 0.08
CA VAL A 109 3.40 -11.61 -0.34
C VAL A 109 2.65 -12.82 -0.90
N ASP A 110 1.35 -12.90 -0.60
CA ASP A 110 0.52 -13.99 -1.09
C ASP A 110 -0.58 -13.36 -1.95
N ILE A 111 -0.45 -13.50 -3.27
CA ILE A 111 -1.32 -12.77 -4.18
C ILE A 111 -1.88 -13.67 -5.26
N ASP A 112 -3.08 -13.34 -5.74
CA ASP A 112 -3.68 -14.03 -6.89
C ASP A 112 -2.82 -13.75 -8.11
N ALA A 113 -2.79 -14.69 -9.06
CA ALA A 113 -2.01 -14.53 -10.30
C ALA A 113 -2.40 -13.29 -11.12
N GLY A 114 -3.62 -12.78 -10.92
CA GLY A 114 -4.09 -11.61 -11.64
C GLY A 114 -3.67 -10.25 -11.14
N VAL A 115 -3.13 -10.15 -9.91
CA VAL A 115 -2.55 -8.88 -9.48
C VAL A 115 -1.37 -8.44 -10.35
N ASN A 116 -1.29 -7.14 -10.60
CA ASN A 116 -0.27 -6.61 -11.47
C ASN A 116 0.83 -5.95 -10.64
N LEU A 117 1.99 -5.76 -11.26
CA LEU A 117 3.18 -5.33 -10.51
C LEU A 117 3.09 -3.90 -10.01
N ASP A 118 2.30 -3.07 -10.69
CA ASP A 118 2.05 -1.71 -10.19
C ASP A 118 1.20 -1.73 -8.92
N GLN A 119 0.11 -2.50 -8.96
CA GLN A 119 -0.75 -2.76 -7.80
C GLN A 119 0.11 -3.28 -6.63
N LEU A 120 0.93 -4.29 -6.93
CA LEU A 120 1.80 -4.90 -5.93
C LEU A 120 2.81 -3.89 -5.37
N MET A 121 3.53 -3.18 -6.24
CA MET A 121 4.52 -2.18 -5.79
C MET A 121 3.92 -1.19 -4.81
N LYS A 122 2.76 -0.63 -5.18
CA LYS A 122 2.05 0.34 -4.35
C LYS A 122 1.59 -0.26 -3.02
N ALA A 123 1.07 -1.48 -3.02
CA ALA A 123 0.59 -2.10 -1.80
C ALA A 123 1.74 -2.49 -0.87
N ALA A 124 2.89 -2.85 -1.44
CA ALA A 124 4.05 -3.32 -0.63
C ALA A 124 4.96 -2.23 -0.05
N LEU A 125 5.03 -1.07 -0.70
CA LEU A 125 5.90 0.04 -0.23
C LEU A 125 5.72 0.41 1.25
N PRO A 126 4.46 0.57 1.73
CA PRO A 126 4.28 0.90 3.15
C PRO A 126 4.86 -0.11 4.12
N PHE A 127 5.19 -1.31 3.64
CA PHE A 127 5.81 -2.37 4.46
C PHE A 127 7.32 -2.33 4.37
N GLY A 128 7.87 -1.41 3.59
CA GLY A 128 9.31 -1.39 3.33
C GLY A 128 9.70 -2.57 2.46
N LEU A 129 8.83 -2.93 1.52
CA LEU A 129 9.08 -4.05 0.61
C LEU A 129 9.05 -3.60 -0.85
N TRP A 130 9.96 -4.18 -1.63
CA TRP A 130 10.19 -3.81 -3.01
C TRP A 130 10.03 -5.02 -3.90
N VAL A 131 9.26 -4.84 -4.98
CA VAL A 131 9.07 -5.88 -6.00
C VAL A 131 10.44 -6.29 -6.54
N PRO A 132 10.81 -7.58 -6.38
CA PRO A 132 12.22 -7.96 -6.59
C PRO A 132 12.67 -7.89 -8.05
N VAL A 133 11.73 -7.99 -8.99
CA VAL A 133 12.03 -7.86 -10.41
C VAL A 133 10.95 -7.00 -11.08
N LEU A 134 11.36 -5.83 -11.57
CA LEU A 134 10.45 -4.92 -12.28
C LEU A 134 10.84 -4.77 -13.76
N PRO A 135 9.90 -5.07 -14.67
CA PRO A 135 10.11 -4.85 -16.09
C PRO A 135 9.93 -3.37 -16.46
N GLY A 136 10.10 -3.05 -17.74
CA GLY A 136 9.98 -1.68 -18.25
C GLY A 136 8.57 -1.11 -18.22
N THR A 137 7.56 -1.96 -18.04
CA THR A 137 6.21 -1.51 -17.73
C THR A 137 5.70 -2.28 -16.51
N ARG A 138 5.00 -1.59 -15.61
CA ARG A 138 4.43 -2.24 -14.44
C ARG A 138 3.05 -2.85 -14.72
N GLN A 139 2.53 -2.68 -15.92
CA GLN A 139 1.23 -3.25 -16.27
C GLN A 139 1.38 -4.70 -16.71
N VAL A 140 1.91 -5.54 -15.82
CA VAL A 140 2.04 -6.98 -16.11
C VAL A 140 1.51 -7.76 -14.92
N THR A 141 0.85 -8.89 -15.17
CA THR A 141 0.31 -9.70 -14.07
C THR A 141 1.44 -10.55 -13.47
N VAL A 142 1.19 -11.03 -12.26
CA VAL A 142 2.08 -11.96 -11.59
C VAL A 142 2.17 -13.24 -12.41
N GLY A 143 1.03 -13.70 -12.92
CA GLY A 143 1.05 -14.89 -13.79
C GLY A 143 1.88 -14.69 -15.05
N GLY A 144 1.78 -13.51 -15.65
CA GLY A 144 2.54 -13.19 -16.86
C GLY A 144 4.02 -13.04 -16.54
N ALA A 145 4.30 -12.46 -15.39
CA ALA A 145 5.69 -12.28 -14.92
C ALA A 145 6.39 -13.63 -14.68
N ILE A 146 5.64 -14.61 -14.14
CA ILE A 146 6.17 -15.96 -13.93
C ILE A 146 6.29 -16.71 -15.26
N ALA A 147 5.21 -16.68 -16.05
CA ALA A 147 5.16 -17.47 -17.26
C ALA A 147 6.19 -17.07 -18.29
N CYS A 148 6.63 -15.80 -18.24
CA CYS A 148 7.70 -15.35 -19.13
C CYS A 148 9.06 -15.22 -18.41
N ASP A 149 9.06 -15.52 -17.11
CA ASP A 149 10.26 -15.43 -16.25
C ASP A 149 10.94 -14.08 -16.53
N ILE A 150 10.17 -13.02 -16.37
CA ILE A 150 10.58 -11.69 -16.82
C ILE A 150 11.84 -11.21 -16.09
N HIS A 151 12.56 -10.32 -16.76
CA HIS A 151 13.80 -9.76 -16.20
C HIS A 151 13.68 -8.27 -16.12
N GLY A 152 14.55 -7.66 -15.32
CA GLY A 152 14.58 -6.22 -15.23
C GLY A 152 16.00 -5.67 -15.25
N LYS A 153 16.06 -4.39 -14.90
CA LYS A 153 17.30 -3.62 -14.88
C LYS A 153 18.32 -4.19 -13.90
N ASN A 154 17.82 -4.94 -12.92
CA ASN A 154 18.66 -5.60 -11.92
C ASN A 154 18.95 -7.09 -12.18
N HIS A 155 18.76 -7.58 -13.40
CA HIS A 155 18.96 -9.03 -13.64
C HIS A 155 20.30 -9.54 -13.18
N HIS A 156 21.37 -8.76 -13.42
CA HIS A 156 22.73 -9.23 -13.10
C HIS A 156 22.96 -9.40 -11.62
N SER A 157 22.07 -8.85 -10.80
CA SER A 157 22.23 -8.94 -9.35
C SER A 157 21.11 -9.72 -8.67
N ALA A 158 19.93 -9.77 -9.28
CA ALA A 158 18.79 -10.41 -8.62
C ALA A 158 18.19 -11.60 -9.38
N GLY A 159 18.70 -11.86 -10.57
CA GLY A 159 18.14 -12.88 -11.47
C GLY A 159 16.82 -12.41 -12.08
N SER A 160 16.02 -13.36 -12.53
CA SER A 160 14.70 -13.03 -13.11
C SER A 160 13.56 -13.29 -12.12
N PHE A 161 12.33 -13.05 -12.57
CA PHE A 161 11.16 -13.14 -11.70
C PHE A 161 11.06 -14.50 -11.01
N GLY A 162 11.22 -15.57 -11.78
CA GLY A 162 11.15 -16.95 -11.25
C GLY A 162 12.01 -17.24 -10.04
N ASN A 163 13.16 -16.56 -9.93
CA ASN A 163 14.10 -16.70 -8.81
C ASN A 163 13.48 -16.32 -7.45
N HIS A 164 12.46 -15.47 -7.48
CA HIS A 164 11.87 -14.92 -6.27
C HIS A 164 10.52 -15.51 -5.90
N VAL A 165 10.06 -16.47 -6.70
CA VAL A 165 8.80 -17.17 -6.39
C VAL A 165 9.09 -18.25 -5.31
N ARG A 166 8.42 -18.16 -4.17
CA ARG A 166 8.55 -19.18 -3.10
C ARG A 166 7.53 -20.32 -3.19
N SER A 167 6.32 -20.03 -3.69
CA SER A 167 5.43 -21.09 -4.10
C SER A 167 4.44 -20.56 -5.13
N MET A 168 3.78 -21.49 -5.83
CA MET A 168 2.65 -21.15 -6.68
C MET A 168 1.67 -22.31 -6.79
N ASP A 169 0.39 -21.99 -6.84
CA ASP A 169 -0.66 -22.97 -7.04
C ASP A 169 -1.00 -23.06 -8.52
N LEU A 170 -0.74 -24.23 -9.09
CA LEU A 170 -0.94 -24.46 -10.52
C LEU A 170 -2.15 -25.37 -10.77
N LEU A 171 -3.12 -24.84 -11.50
CA LEU A 171 -4.27 -25.61 -11.98
C LEU A 171 -3.81 -26.45 -13.17
N THR A 172 -3.67 -27.76 -12.96
CA THR A 172 -3.21 -28.65 -14.03
C THR A 172 -4.36 -29.23 -14.85
N ALA A 173 -4.00 -29.92 -15.93
CA ALA A 173 -4.96 -30.50 -16.89
C ALA A 173 -5.91 -31.50 -16.23
N ASP A 174 -5.40 -32.29 -15.29
CA ASP A 174 -6.21 -33.24 -14.52
C ASP A 174 -7.25 -32.57 -13.59
N GLY A 175 -7.34 -31.24 -13.68
CA GLY A 175 -8.33 -30.47 -12.95
C GLY A 175 -7.99 -30.16 -11.50
N GLU A 176 -6.84 -30.65 -11.05
CA GLU A 176 -6.40 -30.47 -9.68
C GLU A 176 -5.49 -29.24 -9.54
N ILE A 177 -5.38 -28.73 -8.31
CA ILE A 177 -4.50 -27.61 -8.01
C ILE A 177 -3.26 -28.09 -7.25
N ARG A 178 -2.11 -28.06 -7.93
CA ARG A 178 -0.83 -28.48 -7.36
C ARG A 178 -0.10 -27.30 -6.73
N HIS A 179 0.32 -27.47 -5.49
CA HIS A 179 1.11 -26.48 -4.78
C HIS A 179 2.58 -26.74 -5.05
N LEU A 180 3.21 -25.83 -5.78
CA LEU A 180 4.59 -26.03 -6.24
C LEU A 180 5.57 -25.10 -5.52
N THR A 181 6.73 -25.66 -5.18
CA THR A 181 7.82 -24.90 -4.58
C THR A 181 9.09 -25.13 -5.43
N PRO A 182 10.07 -24.20 -5.35
CA PRO A 182 11.28 -24.36 -6.19
C PRO A 182 12.18 -25.55 -5.84
N THR A 183 12.13 -26.02 -4.59
CA THR A 183 13.03 -27.11 -4.13
C THR A 183 12.31 -28.34 -3.60
N GLY A 184 10.98 -28.30 -3.55
CA GLY A 184 10.20 -29.41 -3.04
C GLY A 184 10.06 -30.59 -3.99
N GLU A 185 8.97 -31.32 -3.80
CA GLU A 185 8.74 -32.59 -4.47
C GLU A 185 8.52 -32.43 -5.97
N ASP A 186 7.76 -31.44 -6.41
CA ASP A 186 7.70 -31.18 -7.84
C ASP A 186 8.35 -29.88 -8.27
N ALA A 187 9.61 -29.73 -7.84
CA ALA A 187 10.51 -28.71 -8.33
C ALA A 187 10.61 -28.72 -9.86
N GLU A 188 10.57 -29.93 -10.45
CA GLU A 188 10.66 -30.09 -11.90
C GLU A 188 9.49 -29.35 -12.59
N LEU A 189 8.28 -29.57 -12.11
CA LEU A 189 7.11 -28.89 -12.63
C LEU A 189 7.11 -27.38 -12.33
N PHE A 190 7.58 -27.02 -11.14
CA PHE A 190 7.77 -25.62 -10.77
C PHE A 190 8.61 -24.92 -11.85
N TRP A 191 9.76 -25.50 -12.14
CA TRP A 191 10.73 -24.88 -13.04
C TRP A 191 10.38 -24.96 -14.50
N ALA A 192 9.44 -25.85 -14.86
CA ALA A 192 8.89 -25.88 -16.21
C ALA A 192 7.80 -24.83 -16.38
N THR A 193 7.19 -24.44 -15.27
CA THR A 193 6.13 -23.43 -15.24
C THR A 193 6.76 -22.02 -15.32
N VAL A 194 7.86 -21.81 -14.60
CA VAL A 194 8.66 -20.61 -14.77
C VAL A 194 9.08 -20.55 -16.24
N GLY A 195 8.67 -19.51 -16.94
CA GLY A 195 9.06 -19.35 -18.34
C GLY A 195 8.35 -20.29 -19.29
N GLY A 196 7.33 -20.99 -18.78
CA GLY A 196 6.58 -21.99 -19.57
C GLY A 196 5.46 -21.44 -20.46
N ASN A 197 5.27 -20.13 -20.47
CA ASN A 197 4.26 -19.47 -21.31
C ASN A 197 2.84 -20.05 -21.16
N GLY A 198 2.43 -20.30 -19.91
CA GLY A 198 1.10 -20.84 -19.61
C GLY A 198 0.84 -22.27 -20.00
N LEU A 199 1.88 -22.99 -20.44
CA LEU A 199 1.70 -24.29 -21.06
C LEU A 199 1.80 -25.50 -20.12
N THR A 200 1.90 -25.24 -18.82
CA THR A 200 1.88 -26.31 -17.82
C THR A 200 0.59 -26.26 -17.00
N GLY A 201 -0.27 -25.29 -17.30
CA GLY A 201 -1.46 -25.02 -16.52
C GLY A 201 -1.70 -23.56 -16.17
N ILE A 202 -2.64 -23.32 -15.26
CA ILE A 202 -3.00 -21.95 -14.90
C ILE A 202 -2.51 -21.66 -13.50
N ILE A 203 -1.60 -20.68 -13.40
CA ILE A 203 -1.14 -20.21 -12.10
C ILE A 203 -2.29 -19.42 -11.50
N MET A 204 -2.79 -19.90 -10.37
CA MET A 204 -3.93 -19.28 -9.71
C MET A 204 -3.43 -18.27 -8.69
N ARG A 205 -2.32 -18.58 -8.05
CA ARG A 205 -1.91 -17.89 -6.84
C ARG A 205 -0.43 -18.16 -6.63
N ALA A 206 0.26 -17.21 -5.99
CA ALA A 206 1.69 -17.38 -5.75
C ALA A 206 2.13 -16.62 -4.52
N THR A 207 3.22 -17.10 -3.92
CA THR A 207 3.90 -16.39 -2.85
C THR A 207 5.25 -15.92 -3.41
N ILE A 208 5.52 -14.63 -3.25
CA ILE A 208 6.76 -14.02 -3.73
C ILE A 208 7.52 -13.47 -2.55
N GLU A 209 8.84 -13.69 -2.55
CA GLU A 209 9.72 -13.05 -1.56
C GLU A 209 10.18 -11.70 -2.07
N MET A 210 9.86 -10.66 -1.31
CA MET A 210 10.12 -9.29 -1.73
C MET A 210 11.51 -8.90 -1.27
N THR A 211 12.01 -7.79 -1.82
CA THR A 211 13.29 -7.24 -1.43
C THR A 211 13.04 -6.12 -0.41
N PRO A 212 13.69 -6.20 0.77
CA PRO A 212 13.51 -5.12 1.75
C PRO A 212 14.10 -3.80 1.25
N THR A 213 13.48 -2.70 1.64
CA THR A 213 13.97 -1.36 1.29
C THR A 213 13.52 -0.37 2.34
N SER A 214 14.35 0.64 2.60
CA SER A 214 13.96 1.73 3.50
C SER A 214 13.39 2.94 2.74
N THR A 215 13.55 2.96 1.42
CA THR A 215 13.04 4.07 0.60
C THR A 215 12.47 3.64 -0.73
N ALA A 216 11.68 4.53 -1.33
CA ALA A 216 11.21 4.37 -2.71
C ALA A 216 12.14 5.07 -3.73
N TYR A 217 13.40 5.32 -3.36
CA TYR A 217 14.32 6.06 -4.24
C TYR A 217 15.57 5.28 -4.67
N PHE A 218 16.20 5.76 -5.75
CA PHE A 218 17.50 5.27 -6.20
C PHE A 218 18.61 6.33 -6.07
N ILE A 219 19.81 5.87 -5.74
CA ILE A 219 21.04 6.65 -5.94
C ILE A 219 21.65 6.16 -7.25
N ALA A 220 21.86 7.08 -8.20
CA ALA A 220 22.23 6.71 -9.58
C ALA A 220 23.50 7.41 -10.11
N ASP A 221 24.25 6.68 -10.92
CA ASP A 221 25.40 7.18 -11.64
C ASP A 221 25.12 7.06 -13.13
N GLY A 222 25.32 8.15 -13.86
CA GLY A 222 25.05 8.14 -15.30
C GLY A 222 26.35 8.33 -16.05
N ASP A 223 26.47 7.63 -17.19
CA ASP A 223 27.64 7.73 -18.03
C ASP A 223 27.22 7.74 -19.48
N VAL A 224 27.94 8.49 -20.30
CA VAL A 224 27.67 8.50 -21.73
C VAL A 224 28.93 8.05 -22.42
N THR A 225 28.81 7.01 -23.25
CA THR A 225 29.95 6.47 -24.00
C THR A 225 29.91 7.00 -25.42
N ALA A 226 31.04 6.97 -26.09
CA ALA A 226 31.15 7.57 -27.44
C ALA A 226 30.97 6.55 -28.57
N SER A 227 31.07 5.27 -28.25
CA SER A 227 31.06 4.21 -29.28
C SER A 227 30.70 2.85 -28.69
N LEU A 228 30.51 1.88 -29.58
CA LEU A 228 30.24 0.50 -29.17
C LEU A 228 31.36 -0.07 -28.32
N ASP A 229 32.60 0.12 -28.77
CA ASP A 229 33.79 -0.34 -28.01
C ASP A 229 33.81 0.20 -26.60
N GLU A 230 33.45 1.49 -26.44
CA GLU A 230 33.39 2.10 -25.10
C GLU A 230 32.26 1.53 -24.24
N THR A 231 31.08 1.39 -24.83
CA THR A 231 29.94 0.75 -24.16
C THR A 231 30.30 -0.62 -23.58
N ILE A 232 30.91 -1.48 -24.40
CA ILE A 232 31.37 -2.80 -23.96
C ILE A 232 32.46 -2.74 -22.87
N ALA A 233 33.47 -1.88 -23.06
CA ALA A 233 34.53 -1.72 -22.05
C ALA A 233 33.96 -1.32 -20.68
N LEU A 234 33.03 -0.38 -20.68
CA LEU A 234 32.38 0.06 -19.44
C LEU A 234 31.65 -1.09 -18.73
N HIS A 235 31.08 -2.01 -19.51
CA HIS A 235 30.37 -3.13 -18.92
C HIS A 235 31.30 -4.27 -18.58
N SER A 236 32.56 -4.14 -18.99
CA SER A 236 33.54 -5.23 -18.80
C SER A 236 34.69 -4.84 -17.90
N ASP A 237 34.65 -3.65 -17.33
CA ASP A 237 35.76 -3.17 -16.52
C ASP A 237 35.55 -3.47 -15.04
N GLY A 238 34.48 -4.20 -14.73
CA GLY A 238 34.20 -4.64 -13.36
C GLY A 238 33.27 -3.72 -12.59
N SER A 239 32.90 -2.58 -13.18
CA SER A 239 32.06 -1.62 -12.47
C SER A 239 30.61 -2.11 -12.24
N GLU A 240 30.17 -3.05 -13.06
CA GLU A 240 28.81 -3.61 -12.94
C GLU A 240 28.49 -4.16 -11.55
N ALA A 241 29.50 -4.73 -10.89
CA ALA A 241 29.36 -5.31 -9.55
C ALA A 241 29.16 -4.28 -8.42
N ARG A 242 29.34 -2.99 -8.71
CA ARG A 242 29.11 -1.93 -7.73
C ARG A 242 27.64 -1.46 -7.76
N TYR A 243 26.86 -1.97 -8.73
CA TYR A 243 25.48 -1.53 -8.92
C TYR A 243 24.50 -2.71 -8.97
N THR A 244 23.38 -2.59 -8.27
CA THR A 244 22.35 -3.61 -8.34
C THR A 244 21.51 -3.42 -9.61
N TYR A 245 21.39 -2.18 -10.08
CA TYR A 245 20.57 -1.86 -11.25
C TYR A 245 21.42 -1.25 -12.34
N SER A 246 21.26 -1.71 -13.57
CA SER A 246 22.08 -1.22 -14.69
C SER A 246 21.44 -1.48 -16.05
N SER A 247 21.30 -0.44 -16.86
CA SER A 247 20.79 -0.57 -18.24
C SER A 247 21.25 0.63 -19.06
N ALA A 248 21.12 0.52 -20.38
CA ALA A 248 21.58 1.60 -21.26
C ALA A 248 20.65 1.86 -22.45
N TRP A 249 20.64 3.11 -22.91
CA TRP A 249 20.06 3.44 -24.21
C TRP A 249 21.16 3.53 -25.21
N PHE A 250 20.92 2.93 -26.37
CA PHE A 250 21.96 2.50 -27.28
C PHE A 250 21.68 3.11 -28.65
N ASP A 251 22.73 3.60 -29.33
CA ASP A 251 22.59 4.09 -30.71
C ASP A 251 22.81 2.92 -31.69
N ALA A 252 21.78 2.61 -32.47
CA ALA A 252 21.82 1.51 -33.45
C ALA A 252 21.64 1.98 -34.91
N ILE A 253 21.62 3.29 -35.12
CA ILE A 253 21.42 3.90 -36.45
C ILE A 253 22.69 4.55 -37.03
N SER A 254 23.44 5.26 -36.18
CA SER A 254 24.68 5.92 -36.61
C SER A 254 25.73 4.91 -37.10
N ALA A 255 26.40 5.25 -38.19
CA ALA A 255 27.57 4.51 -38.66
C ALA A 255 28.64 4.52 -37.58
N PRO A 256 29.50 3.49 -37.53
CA PRO A 256 30.66 3.52 -36.64
C PRO A 256 31.56 4.71 -36.99
N PRO A 257 32.33 5.25 -36.02
CA PRO A 257 32.49 4.79 -34.63
C PRO A 257 31.35 5.16 -33.66
N LYS A 258 30.40 5.97 -34.11
CA LYS A 258 29.28 6.39 -33.26
C LYS A 258 28.29 5.26 -32.94
N LEU A 259 28.15 4.31 -33.86
CA LEU A 259 27.37 3.08 -33.61
C LEU A 259 27.64 2.48 -32.22
N GLY A 260 26.57 2.29 -31.48
CA GLY A 260 26.65 1.60 -30.19
C GLY A 260 27.13 2.45 -29.03
N ARG A 261 27.18 3.76 -29.25
CA ARG A 261 27.37 4.70 -28.13
C ARG A 261 26.09 4.63 -27.29
N ALA A 262 26.20 4.98 -26.02
CA ALA A 262 25.09 4.72 -25.12
C ALA A 262 24.98 5.74 -24.01
N ALA A 263 23.75 5.94 -23.52
CA ALA A 263 23.53 6.64 -22.26
C ALA A 263 23.24 5.56 -21.22
N VAL A 264 24.18 5.37 -20.29
CA VAL A 264 24.11 4.32 -19.30
C VAL A 264 23.59 4.88 -17.98
N SER A 265 22.60 4.19 -17.41
CA SER A 265 22.02 4.56 -16.12
C SER A 265 22.24 3.41 -15.12
N ARG A 266 23.03 3.66 -14.08
CA ARG A 266 23.28 2.62 -13.07
C ARG A 266 23.00 3.13 -11.67
N GLY A 267 22.54 2.25 -10.79
CA GLY A 267 22.23 2.68 -9.44
C GLY A 267 21.90 1.55 -8.48
N ARG A 268 21.39 1.94 -7.33
CA ARG A 268 20.92 1.03 -6.29
C ARG A 268 19.84 1.76 -5.52
N LEU A 269 19.03 1.02 -4.76
CA LEU A 269 18.02 1.65 -3.91
C LEU A 269 18.72 2.47 -2.83
N ALA A 270 18.20 3.67 -2.60
CA ALA A 270 18.73 4.60 -1.61
C ALA A 270 18.34 4.15 -0.21
N THR A 271 19.17 4.47 0.79
CA THR A 271 18.74 4.40 2.19
C THR A 271 18.21 5.76 2.61
N VAL A 272 17.49 5.78 3.73
CA VAL A 272 16.86 7.02 4.22
C VAL A 272 17.93 8.10 4.53
N GLU A 273 19.08 7.68 5.05
CA GLU A 273 20.20 8.58 5.35
C GLU A 273 20.67 9.31 4.09
N GLN A 274 20.59 8.63 2.95
CA GLN A 274 21.06 9.18 1.66
C GLN A 274 20.08 10.12 0.99
N LEU A 275 18.88 10.23 1.55
CA LEU A 275 17.88 11.15 1.02
C LEU A 275 18.17 12.57 1.50
N PRO A 276 17.87 13.58 0.65
CA PRO A 276 17.81 14.96 1.12
C PRO A 276 16.75 15.10 2.21
N ALA A 277 16.98 16.01 3.16
CA ALA A 277 16.12 16.19 4.34
C ALA A 277 14.64 16.36 3.98
N LYS A 278 14.38 17.03 2.87
CA LYS A 278 13.04 17.28 2.34
C LYS A 278 12.23 15.99 2.15
N LEU A 279 12.91 14.92 1.74
CA LEU A 279 12.28 13.67 1.35
C LEU A 279 12.33 12.59 2.44
N ARG A 280 13.04 12.86 3.53
CA ARG A 280 13.14 11.93 4.66
C ARG A 280 11.86 11.79 5.49
N SER A 281 10.93 12.74 5.32
CA SER A 281 9.65 12.73 6.00
C SER A 281 8.81 11.52 5.56
N GLU A 282 8.83 11.24 4.26
CA GLU A 282 8.10 10.12 3.68
C GLU A 282 9.03 9.34 2.75
N PRO A 283 9.93 8.52 3.33
CA PRO A 283 10.93 7.89 2.48
C PRO A 283 10.36 6.87 1.48
N LEU A 284 9.20 6.30 1.81
CA LEU A 284 8.60 5.21 1.04
C LEU A 284 7.49 5.68 0.10
N LYS A 285 7.37 7.01 -0.05
CA LYS A 285 6.30 7.63 -0.82
C LYS A 285 6.48 7.42 -2.32
N PHE A 286 5.38 7.14 -3.01
CA PHE A 286 5.42 7.14 -4.47
C PHE A 286 4.68 8.34 -5.06
N ASP A 287 5.41 9.15 -5.84
CA ASP A 287 4.86 10.35 -6.46
C ASP A 287 3.89 10.02 -7.59
N ALA A 288 2.88 10.86 -7.75
CA ALA A 288 1.94 10.75 -8.86
C ALA A 288 2.60 11.17 -10.17
N PRO A 289 2.26 10.50 -11.29
CA PRO A 289 2.79 10.89 -12.60
C PRO A 289 2.30 12.27 -13.02
N GLN A 290 3.23 13.14 -13.43
CA GLN A 290 2.92 14.51 -13.83
C GLN A 290 1.96 14.57 -15.01
N LEU A 291 1.12 15.62 -15.02
CA LEU A 291 0.19 15.88 -16.12
C LEU A 291 0.93 16.11 -17.45
N LEU A 292 1.85 17.06 -17.44
CA LEU A 292 2.58 17.46 -18.65
C LEU A 292 3.75 16.52 -18.95
N THR A 293 3.83 16.11 -20.22
CA THR A 293 4.97 15.35 -20.73
C THR A 293 5.76 16.25 -21.69
N LEU A 294 6.89 15.77 -22.21
CA LEU A 294 7.75 16.61 -23.06
C LEU A 294 7.17 17.00 -24.44
N PRO A 295 6.42 16.10 -25.11
CA PRO A 295 5.60 16.49 -26.27
C PRO A 295 4.62 17.64 -25.96
N ASP A 296 4.23 17.74 -24.70
CA ASP A 296 3.28 18.77 -24.28
C ASP A 296 3.94 20.14 -24.13
N VAL A 297 5.15 20.18 -23.57
CA VAL A 297 5.87 21.45 -23.38
C VAL A 297 6.63 21.88 -24.65
N PHE A 298 7.15 20.90 -25.39
CA PHE A 298 7.85 21.18 -26.65
C PHE A 298 7.26 20.33 -27.78
N PRO A 299 6.18 20.81 -28.43
CA PRO A 299 5.38 20.01 -29.39
C PRO A 299 6.13 19.57 -30.65
N ASN A 300 6.88 20.48 -31.27
CA ASN A 300 7.62 20.15 -32.48
C ASN A 300 9.09 19.73 -32.25
N GLY A 301 9.30 18.85 -31.27
CA GLY A 301 10.61 18.25 -31.00
C GLY A 301 11.52 19.04 -30.08
N LEU A 302 12.71 18.50 -29.84
CA LEU A 302 13.70 19.16 -28.98
C LEU A 302 14.98 19.59 -29.72
N ALA A 303 14.98 19.44 -31.05
CA ALA A 303 16.14 19.77 -31.88
C ALA A 303 16.34 21.28 -32.07
N ASN A 304 17.60 21.71 -32.00
CA ASN A 304 17.98 23.07 -32.36
C ASN A 304 19.21 23.02 -33.30
N LYS A 305 19.82 24.17 -33.59
CA LYS A 305 20.93 24.17 -34.55
C LYS A 305 22.20 23.52 -33.98
N TYR A 306 22.23 23.33 -32.66
CA TYR A 306 23.40 22.77 -31.95
C TYR A 306 23.36 21.25 -31.79
N THR A 307 22.18 20.67 -31.91
CA THR A 307 21.92 19.26 -31.53
C THR A 307 22.88 18.23 -32.13
N PHE A 308 23.15 18.34 -33.43
CA PHE A 308 23.86 17.28 -34.13
C PHE A 308 25.34 17.60 -34.41
N GLY A 309 25.83 18.71 -33.89
CA GLY A 309 27.23 19.07 -34.01
C GLY A 309 27.94 18.91 -32.67
N PRO A 310 29.20 19.35 -32.60
CA PRO A 310 30.04 19.20 -31.41
C PRO A 310 29.51 19.76 -30.10
N ILE A 311 28.75 20.86 -30.13
CA ILE A 311 28.16 21.41 -28.89
C ILE A 311 27.04 20.50 -28.40
N GLY A 312 26.25 19.95 -29.33
CA GLY A 312 25.23 18.95 -29.01
C GLY A 312 25.81 17.72 -28.33
N GLU A 313 26.90 17.20 -28.89
CA GLU A 313 27.60 16.04 -28.30
C GLU A 313 28.05 16.35 -26.88
N LEU A 314 28.68 17.52 -26.70
CA LEU A 314 29.13 17.94 -25.37
C LEU A 314 27.97 18.04 -24.40
N TRP A 315 26.87 18.62 -24.84
CA TRP A 315 25.73 18.85 -23.97
C TRP A 315 25.15 17.54 -23.52
N TYR A 316 24.95 16.64 -24.48
CA TYR A 316 24.44 15.31 -24.22
C TYR A 316 25.34 14.54 -23.25
N ARG A 317 26.65 14.57 -23.50
CA ARG A 317 27.62 13.92 -22.63
C ARG A 317 27.59 14.47 -21.20
N LYS A 318 27.52 15.80 -21.08
CA LYS A 318 27.49 16.45 -19.76
C LYS A 318 26.20 16.16 -18.98
N SER A 319 25.05 16.23 -19.66
CA SER A 319 23.78 15.99 -18.98
C SER A 319 23.62 14.52 -18.55
N GLY A 320 24.20 13.60 -19.31
CA GLY A 320 24.10 12.16 -19.01
C GLY A 320 25.22 11.61 -18.14
N THR A 321 26.13 12.48 -17.70
CA THR A 321 27.23 12.08 -16.80
C THR A 321 27.02 12.71 -15.41
N TYR A 322 26.96 11.87 -14.38
CA TYR A 322 26.66 12.33 -13.01
C TYR A 322 26.90 11.24 -11.98
N ARG A 323 26.94 11.64 -10.72
CA ARG A 323 27.25 10.71 -9.64
C ARG A 323 26.34 10.96 -8.45
N GLY A 324 25.83 9.89 -7.85
CA GLY A 324 25.01 9.99 -6.66
C GLY A 324 23.75 10.84 -6.77
N LYS A 325 23.10 10.81 -7.93
CA LYS A 325 21.85 11.55 -8.11
C LYS A 325 20.66 10.76 -7.56
N VAL A 326 19.90 11.39 -6.67
CA VAL A 326 18.72 10.76 -6.08
C VAL A 326 17.57 10.86 -7.08
N GLN A 327 16.94 9.72 -7.36
CA GLN A 327 15.85 9.64 -8.33
C GLN A 327 14.70 8.77 -7.82
N ASN A 328 13.46 9.16 -8.08
CA ASN A 328 12.33 8.26 -7.84
C ASN A 328 12.28 7.19 -8.93
N LEU A 329 11.29 6.30 -8.85
CA LEU A 329 11.15 5.21 -9.80
C LEU A 329 11.01 5.69 -11.25
N THR A 330 10.22 6.71 -11.47
CA THR A 330 9.95 7.19 -12.83
C THR A 330 11.21 7.79 -13.47
N GLN A 331 11.96 8.57 -12.69
CA GLN A 331 13.21 9.17 -13.17
C GLN A 331 14.29 8.13 -13.45
N PHE A 332 14.45 7.18 -12.55
CA PHE A 332 15.49 6.16 -12.69
C PHE A 332 15.08 5.08 -13.68
N TYR A 333 13.85 4.59 -13.53
CA TYR A 333 13.45 3.29 -14.10
C TYR A 333 12.57 3.39 -15.33
N HIS A 334 11.81 4.46 -15.44
CA HIS A 334 11.00 4.70 -16.64
C HIS A 334 11.34 6.04 -17.25
N PRO A 335 12.63 6.25 -17.59
CA PRO A 335 13.15 7.58 -17.99
C PRO A 335 12.47 8.17 -19.22
N LEU A 336 11.95 7.32 -20.11
CA LEU A 336 11.37 7.79 -21.37
C LEU A 336 9.86 8.00 -21.32
N ASP A 337 9.27 7.86 -20.13
CA ASP A 337 7.88 8.29 -19.92
C ASP A 337 7.73 9.79 -20.18
N MET A 338 8.85 10.51 -20.02
CA MET A 338 8.98 11.94 -20.34
C MET A 338 8.65 12.22 -21.80
N PHE A 339 9.11 11.31 -22.68
CA PHE A 339 8.94 11.51 -24.11
C PHE A 339 7.54 11.14 -24.61
N GLY A 340 6.73 10.56 -23.71
CA GLY A 340 5.26 10.41 -23.92
C GLY A 340 4.80 9.99 -25.30
N GLU A 341 4.07 10.89 -25.97
CA GLU A 341 3.46 10.61 -27.28
C GLU A 341 4.49 10.36 -28.41
N TRP A 342 5.76 10.72 -28.15
CA TRP A 342 6.84 10.57 -29.14
C TRP A 342 7.33 9.17 -29.38
N ASN A 343 7.20 8.30 -28.37
CA ASN A 343 7.72 6.94 -28.47
C ASN A 343 6.90 6.06 -29.41
N ARG A 344 7.55 5.50 -30.43
CA ARG A 344 6.92 4.61 -31.42
C ARG A 344 5.75 5.26 -32.17
N ALA A 345 6.09 6.12 -33.13
CA ALA A 345 5.11 6.78 -33.99
C ALA A 345 5.68 7.09 -35.38
N ALA A 349 1.38 -0.05 -33.13
CA ALA A 349 1.33 -0.79 -34.40
C ALA A 349 2.43 -0.35 -35.37
N GLY A 350 2.64 -1.14 -36.42
CA GLY A 350 3.62 -0.83 -37.46
C GLY A 350 5.07 -0.97 -37.06
N PHE A 351 5.33 -1.60 -35.91
CA PHE A 351 6.70 -1.81 -35.40
C PHE A 351 6.92 -3.27 -35.07
N LEU A 352 8.15 -3.76 -35.25
CA LEU A 352 8.50 -5.11 -34.85
C LEU A 352 9.53 -5.08 -33.73
N GLN A 353 9.15 -5.63 -32.58
CA GLN A 353 10.00 -5.73 -31.41
C GLN A 353 10.89 -6.95 -31.50
N TYR A 354 12.18 -6.75 -31.27
CA TYR A 354 13.14 -7.83 -31.40
C TYR A 354 14.15 -7.76 -30.26
N GLN A 355 14.20 -8.81 -29.45
CA GLN A 355 15.12 -8.84 -28.32
C GLN A 355 15.94 -10.12 -28.32
N PHE A 356 17.25 -10.01 -28.14
CA PHE A 356 18.07 -11.20 -28.05
C PHE A 356 19.17 -11.00 -27.03
N VAL A 357 19.76 -12.10 -26.60
CA VAL A 357 20.94 -12.09 -25.73
C VAL A 357 22.02 -12.95 -26.36
N ILE A 358 23.28 -12.49 -26.27
CA ILE A 358 24.42 -13.24 -26.78
C ILE A 358 25.35 -13.53 -25.59
N PRO A 359 25.83 -14.78 -25.44
CA PRO A 359 26.65 -15.12 -24.29
C PRO A 359 27.84 -14.19 -24.13
N THR A 360 28.18 -13.89 -22.88
CA THR A 360 29.19 -12.90 -22.53
C THR A 360 30.47 -13.04 -23.34
N GLU A 361 31.01 -14.26 -23.39
CA GLU A 361 32.29 -14.52 -24.06
C GLU A 361 32.31 -14.16 -25.55
N ALA A 362 31.14 -14.23 -26.19
CA ALA A 362 31.04 -13.93 -27.62
C ALA A 362 30.95 -12.43 -27.93
N VAL A 363 31.92 -11.68 -27.42
CA VAL A 363 31.89 -10.21 -27.55
C VAL A 363 32.02 -9.72 -29.00
N ASP A 364 32.93 -10.31 -29.77
CA ASP A 364 33.13 -9.96 -31.19
C ASP A 364 31.89 -10.28 -32.00
N GLU A 365 31.33 -11.45 -31.74
CA GLU A 365 30.11 -11.90 -32.38
C GLU A 365 28.97 -10.89 -32.09
N PHE A 366 28.81 -10.49 -30.83
CA PHE A 366 27.80 -9.49 -30.47
C PHE A 366 28.01 -8.18 -31.23
N LYS A 367 29.26 -7.71 -31.28
CA LYS A 367 29.60 -6.49 -32.02
C LYS A 367 29.28 -6.66 -33.49
N LYS A 368 29.58 -7.83 -34.04
CA LYS A 368 29.25 -8.11 -35.42
C LYS A 368 27.73 -7.99 -35.67
N ILE A 369 26.92 -8.52 -34.76
CA ILE A 369 25.45 -8.43 -34.93
C ILE A 369 24.99 -6.97 -34.91
N ILE A 370 25.56 -6.15 -34.02
CA ILE A 370 25.22 -4.73 -33.99
C ILE A 370 25.54 -4.06 -35.35
N GLY A 371 26.71 -4.35 -35.92
CA GLY A 371 27.10 -3.87 -37.25
C GLY A 371 26.13 -4.27 -38.37
N VAL A 372 25.74 -5.54 -38.35
CA VAL A 372 24.73 -6.04 -39.29
C VAL A 372 23.45 -5.19 -39.22
N ILE A 373 22.98 -4.90 -38.00
CA ILE A 373 21.75 -4.14 -37.79
C ILE A 373 21.85 -2.72 -38.38
N GLN A 374 22.97 -2.05 -38.13
CA GLN A 374 23.17 -0.67 -38.56
C GLN A 374 23.25 -0.56 -40.08
N ALA A 375 23.85 -1.56 -40.72
CA ALA A 375 23.98 -1.60 -42.19
C ALA A 375 22.75 -2.19 -42.89
N SER A 376 21.75 -2.62 -42.11
CA SER A 376 20.59 -3.29 -42.69
C SER A 376 19.69 -2.39 -43.54
N GLY A 377 19.67 -1.10 -43.23
CA GLY A 377 18.70 -0.18 -43.85
C GLY A 377 17.41 -0.14 -43.05
N HIS A 378 17.42 -0.81 -41.90
CA HIS A 378 16.32 -0.78 -40.94
C HIS A 378 16.78 -0.03 -39.72
N TYR A 379 16.01 0.99 -39.34
CA TYR A 379 16.45 1.95 -38.32
C TYR A 379 15.63 1.86 -37.04
N SER A 380 16.29 1.50 -35.95
CA SER A 380 15.64 1.47 -34.64
C SER A 380 16.13 2.61 -33.77
N PHE A 381 15.21 3.44 -33.31
CA PHE A 381 15.53 4.57 -32.45
C PHE A 381 15.56 4.20 -30.96
N LEU A 382 14.78 3.18 -30.60
CA LEU A 382 14.64 2.80 -29.19
C LEU A 382 15.33 1.47 -28.88
N ASN A 383 16.52 1.54 -28.29
CA ASN A 383 17.37 0.37 -28.09
C ASN A 383 17.84 0.22 -26.65
N VAL A 384 17.35 -0.82 -25.98
CA VAL A 384 17.69 -1.03 -24.59
C VAL A 384 18.75 -2.11 -24.52
N PHE A 385 19.87 -1.77 -23.87
CA PHE A 385 21.02 -2.64 -23.75
C PHE A 385 21.29 -2.93 -22.28
N LYS A 386 21.59 -4.18 -21.94
CA LYS A 386 22.12 -4.52 -20.61
C LYS A 386 22.94 -5.81 -20.61
N LEU A 387 23.81 -5.94 -19.61
CA LEU A 387 24.58 -7.17 -19.41
C LEU A 387 23.86 -8.03 -18.38
N PHE A 388 23.25 -9.12 -18.85
CA PHE A 388 22.61 -10.11 -17.96
C PHE A 388 23.63 -10.81 -17.07
N GLY A 389 23.20 -11.20 -15.87
CA GLY A 389 24.02 -12.07 -15.01
C GLY A 389 23.63 -13.55 -15.15
N PRO A 390 23.98 -14.38 -14.15
CA PRO A 390 23.70 -15.83 -14.15
C PRO A 390 22.24 -16.21 -14.46
N ARG A 391 22.06 -17.30 -15.21
CA ARG A 391 20.73 -17.82 -15.54
C ARG A 391 20.16 -18.65 -14.37
N ASN A 392 18.89 -19.03 -14.47
CA ASN A 392 18.32 -19.94 -13.49
C ASN A 392 18.11 -21.33 -14.06
N GLN A 393 17.51 -22.23 -13.27
CA GLN A 393 17.36 -23.62 -13.71
C GLN A 393 16.12 -23.90 -14.57
N ALA A 394 15.34 -22.87 -14.91
CA ALA A 394 14.17 -23.06 -15.80
C ALA A 394 14.61 -23.38 -17.23
N PRO A 395 14.23 -24.57 -17.73
CA PRO A 395 14.73 -24.99 -19.05
C PRO A 395 14.39 -24.02 -20.18
N LEU A 396 13.27 -23.32 -20.07
CA LEU A 396 12.88 -22.35 -21.08
C LEU A 396 13.11 -20.87 -20.69
N SER A 397 13.74 -20.61 -19.56
CA SER A 397 14.06 -19.22 -19.17
C SER A 397 14.84 -18.53 -20.31
N PHE A 398 14.44 -17.32 -20.68
CA PHE A 398 15.18 -16.54 -21.68
C PHE A 398 16.59 -16.06 -21.23
N PRO A 399 16.71 -15.42 -20.05
CA PRO A 399 18.01 -14.82 -19.74
C PRO A 399 19.15 -15.82 -19.59
N ILE A 400 20.29 -15.49 -20.19
CA ILE A 400 21.55 -16.18 -19.94
C ILE A 400 22.61 -15.09 -19.76
N PRO A 401 23.70 -15.36 -19.00
CA PRO A 401 24.71 -14.30 -18.85
C PRO A 401 25.25 -13.84 -20.19
N GLY A 402 25.21 -12.53 -20.44
CA GLY A 402 25.67 -12.01 -21.71
C GLY A 402 24.93 -10.77 -22.17
N TRP A 403 25.19 -10.40 -23.42
CA TRP A 403 24.83 -9.11 -23.99
C TRP A 403 23.42 -9.14 -24.50
N ASN A 404 22.55 -8.41 -23.83
CA ASN A 404 21.12 -8.37 -24.15
C ASN A 404 20.74 -7.02 -24.77
N ILE A 405 19.97 -7.08 -25.84
CA ILE A 405 19.47 -5.88 -26.46
C ILE A 405 18.08 -6.04 -27.04
N CYS A 406 17.29 -4.97 -26.92
CA CYS A 406 15.96 -4.88 -27.54
CA CYS A 406 15.97 -4.89 -27.51
C CYS A 406 15.97 -3.77 -28.56
N VAL A 407 15.47 -4.06 -29.73
CA VAL A 407 15.43 -3.07 -30.80
C VAL A 407 14.03 -3.02 -31.33
N ASP A 408 13.70 -1.94 -32.02
CA ASP A 408 12.35 -1.70 -32.45
C ASP A 408 12.36 -1.22 -33.90
N PHE A 409 11.99 -2.11 -34.81
CA PHE A 409 12.03 -1.82 -36.25
C PHE A 409 10.67 -1.43 -36.78
N PRO A 410 10.59 -0.32 -37.54
CA PRO A 410 9.34 -0.03 -38.27
C PRO A 410 9.10 -1.11 -39.31
N ILE A 411 7.85 -1.53 -39.45
CA ILE A 411 7.48 -2.56 -40.43
C ILE A 411 7.55 -1.95 -41.84
N LYS A 412 8.35 -2.58 -42.69
CA LYS A 412 8.53 -2.14 -44.07
C LYS A 412 9.18 -3.27 -44.87
N ASP A 413 9.22 -3.09 -46.20
CA ASP A 413 9.69 -4.13 -47.12
C ASP A 413 11.07 -4.68 -46.77
N GLY A 414 11.20 -6.00 -46.77
CA GLY A 414 12.47 -6.65 -46.49
C GLY A 414 12.69 -7.01 -45.03
N LEU A 415 11.84 -6.49 -44.14
CA LEU A 415 12.04 -6.65 -42.69
C LEU A 415 11.93 -8.09 -42.24
N GLY A 416 10.88 -8.79 -42.68
CA GLY A 416 10.64 -10.18 -42.28
C GLY A 416 11.82 -11.07 -42.63
N LYS A 417 12.36 -10.87 -43.84
CA LYS A 417 13.47 -11.68 -44.29
C LYS A 417 14.77 -11.29 -43.59
N PHE A 418 14.93 -10.00 -43.29
CA PHE A 418 16.09 -9.57 -42.53
C PHE A 418 16.12 -10.10 -41.09
N VAL A 419 14.98 -10.04 -40.39
CA VAL A 419 14.94 -10.59 -39.02
C VAL A 419 15.16 -12.11 -39.00
N SER A 420 14.77 -12.82 -40.05
CA SER A 420 15.14 -14.23 -40.19
C SER A 420 16.65 -14.42 -40.25
N GLU A 421 17.34 -13.51 -40.94
CA GLU A 421 18.82 -13.54 -40.97
C GLU A 421 19.43 -13.22 -39.63
N LEU A 422 18.83 -12.29 -38.90
CA LEU A 422 19.24 -12.00 -37.53
C LEU A 422 19.07 -13.23 -36.63
N ASP A 423 17.94 -13.94 -36.76
CA ASP A 423 17.71 -15.21 -36.05
C ASP A 423 18.90 -16.15 -36.23
N ARG A 424 19.32 -16.33 -37.49
CA ARG A 424 20.40 -17.24 -37.83
C ARG A 424 21.72 -16.84 -37.14
N ARG A 425 21.98 -15.54 -37.15
CA ARG A 425 23.15 -14.97 -36.51
C ARG A 425 23.09 -15.16 -35.00
N VAL A 426 21.95 -14.81 -34.41
CA VAL A 426 21.74 -14.97 -32.96
C VAL A 426 21.96 -16.43 -32.56
N LEU A 427 21.36 -17.36 -33.31
CA LEU A 427 21.49 -18.80 -33.05
C LEU A 427 22.93 -19.27 -33.16
N GLU A 428 23.56 -18.99 -34.29
CA GLU A 428 24.96 -19.33 -34.55
C GLU A 428 25.86 -18.84 -33.43
N PHE A 429 25.57 -17.66 -32.89
CA PHE A 429 26.42 -17.11 -31.84
C PHE A 429 25.99 -17.54 -30.42
N GLY A 430 25.28 -18.65 -30.32
CA GLY A 430 24.88 -19.20 -29.01
C GLY A 430 23.80 -18.49 -28.20
N GLY A 431 23.12 -17.53 -28.82
CA GLY A 431 22.12 -16.73 -28.13
C GLY A 431 20.71 -17.17 -28.43
N ARG A 432 19.75 -16.42 -27.93
CA ARG A 432 18.33 -16.76 -28.12
C ARG A 432 17.48 -15.51 -28.25
N LEU A 433 16.28 -15.69 -28.78
CA LEU A 433 15.18 -14.71 -28.72
C LEU A 433 14.31 -14.91 -27.48
N TYR A 434 13.50 -13.91 -27.17
CA TYR A 434 12.61 -13.93 -26.01
C TYR A 434 11.16 -14.16 -26.49
N THR A 435 10.47 -15.15 -25.93
CA THR A 435 9.06 -15.42 -26.31
C THR A 435 8.09 -14.23 -26.11
N ALA A 436 8.28 -13.48 -25.02
CA ALA A 436 7.43 -12.31 -24.75
C ALA A 436 7.52 -11.22 -25.83
N LYS A 437 8.54 -11.30 -26.67
CA LYS A 437 8.73 -10.35 -27.79
C LYS A 437 8.39 -10.96 -29.16
N ASP A 438 8.41 -12.29 -29.25
CA ASP A 438 8.33 -12.96 -30.56
C ASP A 438 6.94 -13.29 -31.09
N SER A 439 6.73 -13.03 -32.36
CA SER A 439 5.53 -13.51 -33.06
C SER A 439 5.88 -14.15 -34.40
N ARG A 440 7.16 -14.20 -34.75
CA ARG A 440 7.53 -14.63 -36.10
C ARG A 440 8.66 -15.68 -36.28
N THR A 441 9.45 -15.99 -35.24
CA THR A 441 10.50 -17.00 -35.44
C THR A 441 9.91 -18.40 -35.72
N THR A 442 10.73 -19.28 -36.27
CA THR A 442 10.29 -20.65 -36.58
C THR A 442 10.53 -21.59 -35.40
N ALA A 443 9.85 -22.73 -35.43
CA ALA A 443 10.02 -23.79 -34.45
C ALA A 443 11.46 -24.33 -34.47
N GLU A 444 11.99 -24.55 -35.67
CA GLU A 444 13.35 -25.07 -35.81
C GLU A 444 14.36 -24.13 -35.14
N THR A 445 14.26 -22.83 -35.44
CA THR A 445 15.14 -21.84 -34.82
C THR A 445 15.03 -21.81 -33.31
N PHE A 446 13.81 -21.72 -32.81
CA PHE A 446 13.53 -21.68 -31.36
C PHE A 446 14.10 -22.88 -30.62
N HIS A 447 13.88 -24.08 -31.16
CA HIS A 447 14.40 -25.30 -30.55
C HIS A 447 15.89 -25.33 -30.49
N ALA A 448 16.57 -24.85 -31.53
CA ALA A 448 18.04 -24.84 -31.49
C ALA A 448 18.60 -23.80 -30.49
N MET A 449 17.86 -22.70 -30.34
CA MET A 449 18.20 -21.64 -29.39
C MET A 449 18.00 -22.04 -27.93
N TYR A 450 17.12 -23.01 -27.69
CA TYR A 450 16.83 -23.49 -26.34
C TYR A 450 17.14 -25.00 -26.29
N PRO A 451 18.41 -25.38 -26.07
CA PRO A 451 18.77 -26.82 -26.10
C PRO A 451 18.09 -27.66 -25.03
N ARG A 452 17.47 -27.03 -24.03
CA ARG A 452 16.74 -27.78 -23.00
C ARG A 452 15.24 -27.94 -23.31
N VAL A 453 14.86 -27.63 -24.55
CA VAL A 453 13.45 -27.67 -24.95
C VAL A 453 12.84 -29.08 -24.88
N ASP A 454 13.58 -30.10 -25.31
CA ASP A 454 13.09 -31.50 -25.22
C ASP A 454 12.86 -31.90 -23.77
N GLU A 455 13.81 -31.56 -22.89
CA GLU A 455 13.66 -31.72 -21.46
C GLU A 455 12.37 -31.06 -20.96
N TRP A 456 12.15 -29.81 -21.37
CA TRP A 456 10.91 -29.10 -21.03
C TRP A 456 9.66 -29.75 -21.62
N ILE A 457 9.69 -30.08 -22.91
CA ILE A 457 8.54 -30.76 -23.53
C ILE A 457 8.14 -32.08 -22.81
N SER A 458 9.13 -32.88 -22.40
CA SER A 458 8.87 -34.11 -21.63
C SER A 458 8.11 -33.85 -20.32
N VAL A 459 8.44 -32.77 -19.63
CA VAL A 459 7.68 -32.36 -18.45
C VAL A 459 6.25 -31.99 -18.83
N ARG A 460 6.11 -31.27 -19.94
CA ARG A 460 4.79 -30.84 -20.39
C ARG A 460 3.89 -32.00 -20.77
N ARG A 461 4.45 -33.00 -21.47
CA ARG A 461 3.67 -34.16 -21.91
C ARG A 461 3.26 -35.01 -20.72
N LYS A 462 4.13 -35.08 -19.72
CA LYS A 462 3.83 -35.77 -18.47
C LYS A 462 2.68 -35.08 -17.71
N VAL A 463 2.63 -33.75 -17.72
CA VAL A 463 1.63 -33.02 -16.94
C VAL A 463 0.38 -32.64 -17.76
N ASP A 464 0.46 -32.78 -19.07
CA ASP A 464 -0.67 -32.46 -19.94
C ASP A 464 -0.69 -33.35 -21.19
N PRO A 465 -0.95 -34.66 -21.01
CA PRO A 465 -0.93 -35.63 -22.11
C PRO A 465 -1.90 -35.30 -23.24
N LEU A 466 -3.03 -34.68 -22.91
CA LEU A 466 -4.09 -34.41 -23.88
C LEU A 466 -4.04 -33.02 -24.53
N ARG A 467 -3.04 -32.22 -24.17
CA ARG A 467 -2.90 -30.87 -24.70
C ARG A 467 -4.12 -30.04 -24.34
N VAL A 468 -4.50 -30.11 -23.07
CA VAL A 468 -5.56 -29.27 -22.56
C VAL A 468 -5.11 -27.81 -22.67
N PHE A 469 -3.82 -27.58 -22.44
CA PHE A 469 -3.26 -26.24 -22.58
C PHE A 469 -2.54 -26.10 -23.91
N ALA A 470 -2.98 -25.12 -24.68
CA ALA A 470 -2.48 -24.88 -26.02
C ALA A 470 -2.61 -23.39 -26.29
N SER A 471 -1.76 -22.88 -27.18
CA SER A 471 -1.80 -21.48 -27.60
C SER A 471 -1.31 -21.34 -29.05
N ASP A 472 -1.52 -20.18 -29.65
CA ASP A 472 -0.96 -19.93 -30.97
C ASP A 472 0.56 -20.12 -30.98
N MET A 473 1.24 -19.61 -29.95
CA MET A 473 2.70 -19.80 -29.86
C MET A 473 3.11 -21.28 -29.75
N ALA A 474 2.44 -22.02 -28.88
CA ALA A 474 2.64 -23.47 -28.74
C ALA A 474 2.64 -24.17 -30.10
N ARG A 475 1.67 -23.83 -30.93
CA ARG A 475 1.54 -24.43 -32.25
C ARG A 475 2.62 -23.94 -33.21
N ARG A 476 2.85 -22.64 -33.24
CA ARG A 476 3.90 -22.07 -34.10
C ARG A 476 5.28 -22.65 -33.78
N LEU A 477 5.61 -22.70 -32.49
CA LEU A 477 6.94 -23.13 -32.00
C LEU A 477 7.03 -24.62 -31.70
N GLU A 478 5.98 -25.36 -32.05
CA GLU A 478 5.90 -26.81 -31.79
C GLU A 478 6.27 -27.15 -30.35
N LEU A 479 5.62 -26.46 -29.43
CA LEU A 479 5.77 -26.70 -28.00
C LEU A 479 4.57 -27.50 -27.51
N LEU A 480 3.60 -27.70 -28.41
CA LEU A 480 2.34 -28.37 -28.10
C LEU A 480 2.54 -29.83 -27.71
N THR B 26 21.14 9.04 26.85
CA THR B 26 19.98 8.29 26.27
C THR B 26 18.79 9.24 26.04
N THR B 27 18.33 9.88 27.12
CA THR B 27 17.12 10.71 27.11
C THR B 27 17.42 12.21 26.97
N THR B 28 16.44 12.97 26.52
CA THR B 28 16.53 14.43 26.43
C THR B 28 15.47 15.07 27.31
N ALA B 29 15.89 16.05 28.12
CA ALA B 29 14.95 16.82 28.93
C ALA B 29 14.11 17.72 28.02
N THR B 30 12.80 17.53 28.03
CA THR B 30 11.90 18.25 27.12
C THR B 30 10.66 18.82 27.81
N ARG B 31 10.34 20.06 27.48
CA ARG B 31 9.10 20.72 27.93
C ARG B 31 7.93 20.24 27.08
N LEU B 32 6.99 19.56 27.71
CA LEU B 32 5.87 18.95 27.00
C LEU B 32 4.53 19.52 27.42
N THR B 33 3.61 19.60 26.46
CA THR B 33 2.21 19.90 26.74
C THR B 33 1.33 18.91 25.99
N GLY B 34 0.01 19.03 26.18
CA GLY B 34 -0.95 18.38 25.30
C GLY B 34 -1.13 19.24 24.06
N TRP B 35 -2.15 18.94 23.27
CA TRP B 35 -2.43 19.68 22.04
C TRP B 35 -2.92 21.08 22.31
N GLY B 36 -3.56 21.27 23.46
CA GLY B 36 -4.12 22.57 23.85
C GLY B 36 -3.08 23.54 24.37
N ARG B 37 -1.81 23.19 24.24
CA ARG B 37 -0.68 24.02 24.70
C ARG B 37 -0.98 24.66 26.05
N THR B 38 -1.13 23.82 27.07
CA THR B 38 -1.42 24.27 28.43
C THR B 38 -0.72 23.36 29.45
N ALA B 39 -0.57 23.87 30.68
CA ALA B 39 0.07 23.14 31.80
C ALA B 39 1.35 22.36 31.42
N PRO B 40 2.43 23.08 31.04
CA PRO B 40 3.68 22.42 30.65
C PRO B 40 4.38 21.69 31.79
N SER B 41 5.18 20.68 31.44
CA SER B 41 5.99 19.94 32.41
C SER B 41 7.23 19.31 31.78
N VAL B 42 8.38 19.53 32.42
CA VAL B 42 9.67 19.04 31.94
C VAL B 42 9.86 17.56 32.28
N ALA B 43 10.13 16.76 31.26
CA ALA B 43 10.42 15.34 31.45
C ALA B 43 11.59 14.88 30.59
N ASN B 44 12.14 13.73 30.93
CA ASN B 44 13.17 13.10 30.11
C ASN B 44 12.55 12.21 29.04
N VAL B 45 12.71 12.62 27.79
CA VAL B 45 12.12 11.93 26.63
C VAL B 45 13.09 10.95 25.97
N LEU B 46 12.76 9.66 26.06
CA LEU B 46 13.44 8.61 25.30
C LEU B 46 12.77 8.46 23.94
N ARG B 47 13.59 8.44 22.89
CA ARG B 47 13.09 8.34 21.52
C ARG B 47 13.98 7.40 20.71
N THR B 48 13.52 6.17 20.56
CA THR B 48 14.31 5.11 19.94
C THR B 48 13.42 4.16 19.13
N PRO B 49 13.88 3.75 17.94
CA PRO B 49 13.12 2.73 17.21
C PRO B 49 13.44 1.33 17.74
N ASP B 50 14.27 1.27 18.77
CA ASP B 50 14.75 0.00 19.31
C ASP B 50 13.97 -0.39 20.57
N ALA B 51 13.19 -1.46 20.44
CA ALA B 51 12.35 -1.94 21.53
C ALA B 51 13.15 -2.48 22.70
N GLU B 52 14.41 -2.84 22.43
CA GLU B 52 15.34 -3.27 23.47
C GLU B 52 15.63 -2.13 24.46
N MET B 53 15.84 -0.94 23.92
CA MET B 53 16.08 0.27 24.71
C MET B 53 14.92 0.59 25.65
N ILE B 54 13.70 0.43 25.13
CA ILE B 54 12.48 0.71 25.89
C ILE B 54 12.32 -0.26 27.06
N VAL B 55 12.50 -1.55 26.82
CA VAL B 55 12.46 -2.54 27.91
C VAL B 55 13.49 -2.20 29.00
N LYS B 56 14.70 -1.85 28.57
CA LYS B 56 15.79 -1.50 29.49
C LYS B 56 15.49 -0.21 30.24
N ALA B 57 14.96 0.79 29.54
CA ALA B 57 14.62 2.08 30.15
C ALA B 57 13.57 1.95 31.24
N VAL B 58 12.59 1.09 31.00
CA VAL B 58 11.56 0.76 32.00
C VAL B 58 12.20 0.13 33.24
N ALA B 59 13.09 -0.85 33.03
CA ALA B 59 13.78 -1.53 34.12
C ALA B 59 14.64 -0.55 34.93
N ARG B 60 15.18 0.46 34.24
CA ARG B 60 15.95 1.54 34.87
C ARG B 60 15.11 2.32 35.86
N VAL B 61 13.84 2.57 35.50
CA VAL B 61 12.89 3.26 36.36
C VAL B 61 12.45 2.33 37.49
N ALA B 62 12.29 1.05 37.18
CA ALA B 62 11.91 0.04 38.16
C ALA B 62 12.98 -0.20 39.23
N GLU B 63 14.25 0.02 38.89
CA GLU B 63 15.36 -0.15 39.83
C GLU B 63 15.69 1.14 40.61
N SER B 64 15.34 2.29 40.06
CA SER B 64 15.59 3.58 40.70
C SER B 64 14.59 3.88 41.82
N GLY B 65 14.21 2.82 42.55
CA GLY B 65 13.29 2.92 43.69
C GLY B 65 11.87 3.30 43.33
N GLY B 66 11.46 3.00 42.10
CA GLY B 66 10.13 3.37 41.60
C GLY B 66 10.11 4.80 41.06
N GLY B 67 10.62 5.74 41.88
CA GLY B 67 10.85 7.12 41.47
C GLY B 67 9.63 7.87 40.99
N ARG B 68 9.82 8.70 39.97
CA ARG B 68 8.75 9.52 39.42
C ARG B 68 8.18 8.93 38.12
N GLY B 69 8.20 7.60 38.03
CA GLY B 69 7.49 6.85 37.00
C GLY B 69 7.92 7.03 35.56
N ALA B 70 7.14 6.41 34.67
CA ALA B 70 7.35 6.51 33.22
C ALA B 70 6.02 6.52 32.49
N ILE B 71 5.93 7.27 31.39
CA ILE B 71 4.72 7.24 30.58
C ILE B 71 5.00 7.21 29.07
N ALA B 72 4.22 6.41 28.33
CA ALA B 72 4.29 6.42 26.88
C ALA B 72 3.70 7.70 26.33
N ARG B 73 4.21 8.13 25.18
CA ARG B 73 3.65 9.23 24.43
C ARG B 73 3.51 8.84 22.95
N GLY B 74 2.38 9.18 22.35
CA GLY B 74 2.13 8.92 20.94
C GLY B 74 2.45 10.16 20.16
N LEU B 75 1.48 10.71 19.44
CA LEU B 75 1.69 11.91 18.66
C LEU B 75 1.25 13.20 19.37
N GLY B 76 0.93 13.09 20.66
CA GLY B 76 0.58 14.27 21.48
C GLY B 76 -0.68 15.00 21.07
N ARG B 77 -1.66 14.27 20.56
CA ARG B 77 -2.94 14.89 20.16
C ARG B 77 -3.99 14.98 21.29
N SER B 78 -3.76 14.32 22.41
CA SER B 78 -4.60 14.56 23.59
C SER B 78 -4.38 15.99 24.04
N TYR B 79 -5.47 16.67 24.39
CA TYR B 79 -5.42 18.05 24.83
C TYR B 79 -4.96 18.15 26.29
N GLY B 80 -5.08 17.05 27.03
CA GLY B 80 -4.78 17.01 28.45
C GLY B 80 -3.34 16.69 28.77
N ASP B 81 -3.12 16.22 29.99
CA ASP B 81 -1.78 15.99 30.53
C ASP B 81 -1.50 14.50 30.74
N ASN B 82 -2.18 13.65 29.98
CA ASN B 82 -1.99 12.21 30.12
C ASN B 82 -0.75 11.65 29.43
N ALA B 83 -0.18 12.40 28.49
CA ALA B 83 1.02 12.00 27.75
C ALA B 83 2.28 12.74 28.20
N GLN B 84 2.29 13.19 29.46
CA GLN B 84 3.45 13.85 30.05
C GLN B 84 3.67 13.44 31.51
N ASN B 85 4.90 13.59 31.98
CA ASN B 85 5.30 13.07 33.29
C ASN B 85 6.40 13.94 33.91
N GLY B 86 6.01 15.11 34.41
CA GLY B 86 6.93 16.07 35.03
C GLY B 86 7.98 15.43 35.92
N GLY B 87 9.24 15.70 35.61
CA GLY B 87 10.38 15.17 36.38
C GLY B 87 10.51 13.65 36.34
N GLY B 88 10.02 13.04 35.26
CA GLY B 88 10.11 11.59 35.10
C GLY B 88 10.43 11.19 33.67
N LEU B 89 10.22 9.91 33.37
CA LEU B 89 10.47 9.39 32.02
C LEU B 89 9.23 9.43 31.14
N VAL B 90 9.40 9.98 29.94
CA VAL B 90 8.40 9.91 28.88
C VAL B 90 9.02 9.18 27.68
N ILE B 91 8.37 8.09 27.24
CA ILE B 91 8.88 7.30 26.12
C ILE B 91 8.05 7.57 24.86
N ASP B 92 8.66 8.31 23.93
CA ASP B 92 8.05 8.61 22.65
C ASP B 92 8.00 7.34 21.80
N MET B 93 6.79 6.93 21.43
CA MET B 93 6.58 5.65 20.75
C MET B 93 6.52 5.74 19.23
N THR B 94 6.58 6.96 18.70
CA THR B 94 6.44 7.18 17.25
C THR B 94 7.51 6.48 16.36
N PRO B 95 8.76 6.30 16.86
CA PRO B 95 9.75 5.61 16.01
C PRO B 95 9.47 4.11 15.86
N LEU B 96 8.63 3.56 16.74
CA LEU B 96 8.26 2.16 16.64
C LEU B 96 7.01 2.06 15.77
N ASN B 97 7.20 2.17 14.46
CA ASN B 97 6.11 2.38 13.50
C ASN B 97 6.06 1.34 12.38
N THR B 98 6.45 0.12 12.70
CA THR B 98 6.45 -0.94 11.70
C THR B 98 5.07 -1.57 11.53
N ILE B 99 4.63 -1.64 10.27
CA ILE B 99 3.50 -2.47 9.89
C ILE B 99 4.04 -3.87 9.61
N HIS B 100 3.72 -4.82 10.49
CA HIS B 100 4.24 -6.18 10.38
C HIS B 100 3.54 -6.99 9.32
N SER B 101 2.21 -6.94 9.31
CA SER B 101 1.43 -7.69 8.33
C SER B 101 0.01 -7.14 8.21
N ILE B 102 -0.58 -7.35 7.03
CA ILE B 102 -1.99 -7.07 6.79
C ILE B 102 -2.52 -8.23 5.99
N ASP B 103 -3.71 -8.71 6.35
CA ASP B 103 -4.26 -9.91 5.72
C ASP B 103 -5.72 -9.68 5.33
N ALA B 104 -5.99 -9.70 4.03
CA ALA B 104 -7.35 -9.43 3.52
C ALA B 104 -8.35 -10.52 3.91
N ASP B 105 -7.87 -11.74 4.14
CA ASP B 105 -8.78 -12.86 4.41
C ASP B 105 -9.21 -12.89 5.87
N THR B 106 -8.26 -12.74 6.78
CA THR B 106 -8.59 -12.70 8.21
C THR B 106 -8.99 -11.28 8.64
N LYS B 107 -8.69 -10.29 7.80
CA LYS B 107 -9.02 -8.88 8.08
C LYS B 107 -8.18 -8.31 9.24
N LEU B 108 -7.09 -9.00 9.59
CA LEU B 108 -6.24 -8.56 10.70
C LEU B 108 -5.00 -7.79 10.24
N VAL B 109 -4.68 -6.73 10.97
CA VAL B 109 -3.44 -6.00 10.81
C VAL B 109 -2.63 -6.20 12.09
N ASP B 110 -1.33 -6.37 11.94
CA ASP B 110 -0.45 -6.57 13.07
C ASP B 110 0.57 -5.46 12.99
N ILE B 111 0.49 -4.52 13.92
CA ILE B 111 1.31 -3.31 13.84
C ILE B 111 1.90 -2.92 15.19
N ASP B 112 3.06 -2.24 15.14
CA ASP B 112 3.66 -1.62 16.30
C ASP B 112 2.77 -0.49 16.82
N ALA B 113 2.79 -0.25 18.14
CA ALA B 113 1.91 0.77 18.74
C ALA B 113 2.20 2.19 18.26
N GLY B 114 3.33 2.36 17.58
CA GLY B 114 3.73 3.66 17.10
C GLY B 114 3.14 4.04 15.76
N VAL B 115 2.66 3.07 14.99
CA VAL B 115 2.03 3.43 13.71
C VAL B 115 0.82 4.33 13.92
N ASN B 116 0.66 5.31 13.04
CA ASN B 116 -0.48 6.21 13.11
C ASN B 116 -1.62 5.76 12.20
N LEU B 117 -2.83 6.30 12.44
CA LEU B 117 -4.02 5.85 11.73
C LEU B 117 -4.03 6.26 10.28
N ASP B 118 -3.37 7.38 9.97
CA ASP B 118 -3.23 7.82 8.59
C ASP B 118 -2.34 6.85 7.82
N GLN B 119 -1.18 6.51 8.40
CA GLN B 119 -0.28 5.48 7.88
C GLN B 119 -1.04 4.15 7.70
N LEU B 120 -1.78 3.75 8.74
CA LEU B 120 -2.51 2.50 8.70
C LEU B 120 -3.61 2.47 7.60
N MET B 121 -4.44 3.50 7.56
CA MET B 121 -5.49 3.63 6.55
C MET B 121 -4.96 3.49 5.12
N LYS B 122 -3.92 4.25 4.80
CA LYS B 122 -3.25 4.16 3.50
C LYS B 122 -2.71 2.76 3.20
N ALA B 123 -2.05 2.13 4.18
CA ALA B 123 -1.49 0.79 4.00
C ALA B 123 -2.56 -0.28 3.77
N ALA B 124 -3.69 -0.14 4.46
CA ALA B 124 -4.72 -1.17 4.50
C ALA B 124 -5.74 -1.08 3.35
N LEU B 125 -5.92 0.10 2.78
CA LEU B 125 -6.90 0.27 1.68
C LEU B 125 -6.75 -0.71 0.49
N PRO B 126 -5.51 -0.90 -0.02
CA PRO B 126 -5.35 -1.85 -1.14
C PRO B 126 -5.73 -3.30 -0.81
N PHE B 127 -5.93 -3.60 0.46
CA PHE B 127 -6.41 -4.93 0.88
C PHE B 127 -7.93 -4.98 0.99
N GLY B 128 -8.60 -3.87 0.68
CA GLY B 128 -10.05 -3.83 0.88
C GLY B 128 -10.43 -3.78 2.35
N LEU B 129 -9.63 -3.05 3.14
CA LEU B 129 -9.86 -2.93 4.58
C LEU B 129 -9.86 -1.49 5.04
N TRP B 130 -10.68 -1.20 6.06
CA TRP B 130 -10.94 0.14 6.54
C TRP B 130 -10.72 0.20 8.03
N VAL B 131 -9.98 1.21 8.50
CA VAL B 131 -9.78 1.42 9.93
C VAL B 131 -11.18 1.53 10.59
N PRO B 132 -11.47 0.64 11.57
CA PRO B 132 -12.87 0.50 12.03
C PRO B 132 -13.40 1.67 12.86
N VAL B 133 -12.49 2.44 13.47
CA VAL B 133 -12.85 3.68 14.18
C VAL B 133 -11.82 4.74 13.84
N LEU B 134 -12.28 5.84 13.25
CA LEU B 134 -11.40 6.96 12.91
C LEU B 134 -11.84 8.26 13.61
N PRO B 135 -10.93 8.88 14.38
CA PRO B 135 -11.27 10.12 15.06
C PRO B 135 -11.20 11.30 14.08
N GLY B 136 -11.48 12.51 14.58
CA GLY B 136 -11.44 13.74 13.77
C GLY B 136 -10.10 14.07 13.11
N THR B 137 -8.99 13.63 13.70
CA THR B 137 -7.69 13.75 13.05
C THR B 137 -7.05 12.36 12.98
N ARG B 138 -6.38 12.07 11.87
CA ARG B 138 -5.75 10.76 11.69
C ARG B 138 -4.28 10.74 12.12
N GLN B 139 -3.81 11.88 12.63
CA GLN B 139 -2.50 11.95 13.23
C GLN B 139 -2.54 11.51 14.71
N VAL B 140 -2.92 10.25 14.91
CA VAL B 140 -2.90 9.60 16.23
C VAL B 140 -2.30 8.20 16.12
N THR B 141 -1.53 7.80 17.13
CA THR B 141 -0.90 6.48 17.14
C THR B 141 -1.89 5.40 17.55
N VAL B 142 -1.62 4.16 17.14
CA VAL B 142 -2.42 3.02 17.60
C VAL B 142 -2.40 2.91 19.14
N GLY B 143 -1.25 3.21 19.74
CA GLY B 143 -1.12 3.23 21.19
C GLY B 143 -2.02 4.27 21.85
N GLY B 144 -2.01 5.49 21.31
CA GLY B 144 -2.92 6.55 21.74
C GLY B 144 -4.40 6.23 21.53
N ALA B 145 -4.71 5.59 20.41
CA ALA B 145 -6.06 5.16 20.06
C ALA B 145 -6.63 4.17 21.07
N ILE B 146 -5.80 3.22 21.51
CA ILE B 146 -6.21 2.21 22.48
C ILE B 146 -6.30 2.81 23.87
N ALA B 147 -5.28 3.60 24.24
CA ALA B 147 -5.18 4.15 25.57
C ALA B 147 -6.27 5.18 25.92
N CYS B 148 -6.80 5.86 24.91
CA CYS B 148 -7.92 6.78 25.10
C CYS B 148 -9.24 6.18 24.64
N ASP B 149 -9.18 4.95 24.14
CA ASP B 149 -10.34 4.20 23.63
C ASP B 149 -11.15 5.15 22.78
N ILE B 150 -10.53 5.63 21.69
CA ILE B 150 -11.09 6.74 20.92
C ILE B 150 -12.38 6.35 20.22
N HIS B 151 -13.20 7.34 19.90
CA HIS B 151 -14.47 7.13 19.24
C HIS B 151 -14.50 7.96 18.00
N GLY B 152 -15.47 7.70 17.14
CA GLY B 152 -15.60 8.49 15.93
C GLY B 152 -17.05 8.64 15.55
N LYS B 153 -17.25 9.07 14.31
CA LYS B 153 -18.55 9.35 13.74
C LYS B 153 -19.44 8.09 13.64
N ASN B 154 -18.81 6.91 13.73
CA ASN B 154 -19.55 5.65 13.62
C ASN B 154 -19.75 4.92 14.96
N HIS B 155 -19.64 5.65 16.08
CA HIS B 155 -19.68 4.98 17.38
C HIS B 155 -20.94 4.19 17.59
N HIS B 156 -22.07 4.72 17.13
CA HIS B 156 -23.36 4.11 17.37
C HIS B 156 -23.49 2.79 16.68
N SER B 157 -22.69 2.58 15.63
CA SER B 157 -22.72 1.31 14.90
C SER B 157 -21.48 0.44 15.11
N ALA B 158 -20.36 1.01 15.56
CA ALA B 158 -19.10 0.27 15.59
C ALA B 158 -18.42 0.22 16.97
N GLY B 159 -18.97 0.96 17.93
CA GLY B 159 -18.36 1.11 19.25
C GLY B 159 -17.10 1.96 19.16
N SER B 160 -16.21 1.82 20.14
CA SER B 160 -14.97 2.58 20.15
C SER B 160 -13.78 1.74 19.67
N PHE B 161 -12.57 2.32 19.69
CA PHE B 161 -11.39 1.66 19.14
C PHE B 161 -11.09 0.32 19.83
N GLY B 162 -11.25 0.31 21.15
CA GLY B 162 -10.98 -0.87 21.95
C GLY B 162 -11.77 -2.09 21.55
N ASN B 163 -13.00 -1.89 21.05
CA ASN B 163 -13.84 -2.99 20.56
C ASN B 163 -13.22 -3.81 19.43
N HIS B 164 -12.23 -3.25 18.73
CA HIS B 164 -11.67 -3.84 17.51
C HIS B 164 -10.29 -4.43 17.70
N VAL B 165 -9.75 -4.29 18.89
CA VAL B 165 -8.42 -4.80 19.20
C VAL B 165 -8.52 -6.27 19.54
N ARG B 166 -7.82 -7.11 18.79
CA ARG B 166 -7.91 -8.57 18.98
C ARG B 166 -6.77 -9.09 19.86
N SER B 167 -5.69 -8.34 19.92
CA SER B 167 -4.62 -8.57 20.89
C SER B 167 -3.73 -7.36 20.98
N MET B 168 -2.98 -7.28 22.07
CA MET B 168 -1.90 -6.32 22.19
C MET B 168 -0.79 -6.85 23.09
N ASP B 169 0.43 -6.40 22.81
CA ASP B 169 1.60 -6.76 23.62
C ASP B 169 1.91 -5.60 24.54
N LEU B 170 1.79 -5.85 25.84
CA LEU B 170 1.98 -4.84 26.86
C LEU B 170 3.21 -5.12 27.71
N LEU B 171 4.15 -4.19 27.70
CA LEU B 171 5.33 -4.25 28.53
C LEU B 171 4.99 -3.80 29.95
N THR B 172 4.87 -4.76 30.86
CA THR B 172 4.49 -4.47 32.24
C THR B 172 5.67 -4.00 33.13
N ALA B 173 5.34 -3.62 34.36
CA ALA B 173 6.29 -3.03 35.31
C ALA B 173 7.51 -3.89 35.63
N ASP B 174 7.30 -5.21 35.68
CA ASP B 174 8.37 -6.16 35.97
C ASP B 174 9.21 -6.52 34.73
N GLY B 175 8.87 -5.93 33.59
CA GLY B 175 9.58 -6.20 32.34
C GLY B 175 9.01 -7.33 31.52
N GLU B 176 7.98 -7.99 32.02
CA GLU B 176 7.30 -9.03 31.26
CA GLU B 176 7.26 -9.04 31.29
C GLU B 176 6.41 -8.43 30.18
N ILE B 177 6.30 -9.15 29.06
CA ILE B 177 5.40 -8.74 27.99
C ILE B 177 4.20 -9.69 28.00
N ARG B 178 3.06 -9.16 28.42
CA ARG B 178 1.82 -9.91 28.42
C ARG B 178 1.14 -9.80 27.05
N HIS B 179 0.67 -10.94 26.56
CA HIS B 179 -0.17 -10.98 25.37
C HIS B 179 -1.58 -10.91 25.86
N LEU B 180 -2.21 -9.76 25.67
CA LEU B 180 -3.56 -9.54 26.15
C LEU B 180 -4.54 -9.75 25.02
N THR B 181 -5.62 -10.48 25.30
CA THR B 181 -6.73 -10.62 24.37
C THR B 181 -8.00 -10.20 25.12
N PRO B 182 -9.05 -9.76 24.39
CA PRO B 182 -10.29 -9.30 25.03
C PRO B 182 -11.01 -10.38 25.83
N THR B 183 -11.01 -11.61 25.34
CA THR B 183 -11.61 -12.73 26.08
C THR B 183 -10.50 -13.63 26.63
N GLY B 184 -10.88 -14.68 27.34
CA GLY B 184 -9.88 -15.58 27.92
C GLY B 184 -9.02 -14.94 29.00
N GLU B 185 -7.96 -15.63 29.39
CA GLU B 185 -7.05 -15.18 30.44
C GLU B 185 -6.53 -13.76 30.14
N ASP B 186 -6.30 -12.99 31.21
CA ASP B 186 -5.81 -11.60 31.10
C ASP B 186 -6.79 -10.60 30.45
N ALA B 187 -8.02 -11.04 30.20
CA ALA B 187 -9.08 -10.17 29.67
C ALA B 187 -9.23 -8.92 30.52
N GLU B 188 -9.17 -9.10 31.84
CA GLU B 188 -9.32 -8.02 32.80
C GLU B 188 -8.25 -6.95 32.62
N LEU B 189 -7.00 -7.36 32.46
CA LEU B 189 -5.91 -6.43 32.20
C LEU B 189 -5.99 -5.81 30.78
N PHE B 190 -6.51 -6.57 29.83
CA PHE B 190 -6.74 -6.04 28.48
C PHE B 190 -7.71 -4.86 28.56
N TRP B 191 -8.82 -5.08 29.25
CA TRP B 191 -9.85 -4.07 29.37
C TRP B 191 -9.52 -2.90 30.27
N ALA B 192 -8.53 -3.08 31.15
CA ALA B 192 -8.00 -1.97 31.95
C ALA B 192 -7.05 -1.11 31.12
N THR B 193 -6.39 -1.74 30.15
CA THR B 193 -5.47 -1.06 29.26
C THR B 193 -6.23 -0.22 28.20
N VAL B 194 -7.33 -0.77 27.69
CA VAL B 194 -8.25 0.00 26.82
C VAL B 194 -8.74 1.17 27.68
N GLY B 195 -8.49 2.38 27.23
CA GLY B 195 -8.91 3.57 27.96
C GLY B 195 -8.08 3.83 29.21
N GLY B 196 -7.02 3.05 29.41
CA GLY B 196 -6.19 3.16 30.62
C GLY B 196 -5.19 4.28 30.67
N ASN B 197 -5.15 5.11 29.63
CA ASN B 197 -4.24 6.27 29.54
C ASN B 197 -2.74 5.97 29.73
N GLY B 198 -2.33 4.76 29.39
CA GLY B 198 -0.92 4.36 29.43
C GLY B 198 -0.45 3.88 30.77
N LEU B 199 -1.38 3.64 31.70
CA LEU B 199 -1.04 3.46 33.11
C LEU B 199 -0.91 2.01 33.56
N THR B 200 -1.14 1.08 32.63
CA THR B 200 -0.92 -0.34 32.89
C THR B 200 0.44 -0.80 32.35
N GLY B 201 1.11 0.08 31.62
CA GLY B 201 2.36 -0.24 30.94
C GLY B 201 2.45 0.37 29.54
N ILE B 202 3.41 -0.12 28.76
CA ILE B 202 3.61 0.37 27.39
C ILE B 202 3.09 -0.64 26.36
N ILE B 203 2.14 -0.21 25.54
CA ILE B 203 1.62 -1.02 24.45
C ILE B 203 2.70 -1.01 23.37
N MET B 204 3.19 -2.18 23.03
CA MET B 204 4.31 -2.31 22.10
C MET B 204 3.80 -2.58 20.69
N ARG B 205 2.69 -3.31 20.62
CA ARG B 205 2.24 -3.89 19.36
C ARG B 205 0.81 -4.33 19.57
N ALA B 206 0.05 -4.38 18.47
CA ALA B 206 -1.34 -4.77 18.53
C ALA B 206 -1.79 -5.45 17.26
N THR B 207 -2.84 -6.26 17.39
CA THR B 207 -3.58 -6.77 16.25
C THR B 207 -5.00 -6.18 16.27
N ILE B 208 -5.40 -5.59 15.13
CA ILE B 208 -6.70 -4.96 15.01
C ILE B 208 -7.52 -5.65 13.93
N GLU B 209 -8.78 -5.94 14.22
CA GLU B 209 -9.65 -6.43 13.16
C GLU B 209 -10.25 -5.24 12.43
N MET B 210 -9.98 -5.18 11.13
CA MET B 210 -10.42 -4.08 10.27
C MET B 210 -11.83 -4.32 9.75
N THR B 211 -12.46 -3.26 9.24
CA THR B 211 -13.77 -3.37 8.59
C THR B 211 -13.55 -3.58 7.09
N PRO B 212 -14.19 -4.62 6.50
CA PRO B 212 -14.04 -4.82 5.07
C PRO B 212 -14.78 -3.72 4.28
N THR B 213 -14.19 -3.30 3.16
CA THR B 213 -14.76 -2.29 2.30
C THR B 213 -14.33 -2.53 0.86
N SER B 214 -15.21 -2.23 -0.08
CA SER B 214 -14.88 -2.31 -1.50
C SER B 214 -14.53 -0.94 -2.12
N THR B 215 -14.72 0.14 -1.35
CA THR B 215 -14.32 1.48 -1.79
C THR B 215 -13.71 2.33 -0.69
N ALA B 216 -12.97 3.37 -1.09
CA ALA B 216 -12.49 4.40 -0.17
C ALA B 216 -13.44 5.60 -0.09
N TYR B 217 -14.71 5.38 -0.41
CA TYR B 217 -15.69 6.47 -0.43
C TYR B 217 -16.92 6.22 0.42
N PHE B 218 -17.60 7.31 0.77
CA PHE B 218 -18.86 7.30 1.49
C PHE B 218 -19.98 7.79 0.57
N ILE B 219 -21.20 7.32 0.80
CA ILE B 219 -22.37 8.00 0.26
C ILE B 219 -23.03 8.74 1.41
N ALA B 220 -23.19 10.06 1.25
CA ALA B 220 -23.63 10.94 2.33
C ALA B 220 -25.02 11.54 2.13
N ASP B 221 -25.80 11.55 3.21
CA ASP B 221 -27.02 12.35 3.32
C ASP B 221 -26.80 13.49 4.32
N GLY B 222 -27.22 14.69 3.94
CA GLY B 222 -27.05 15.87 4.78
C GLY B 222 -28.40 16.47 5.16
N ASP B 223 -28.54 16.82 6.44
CA ASP B 223 -29.77 17.43 6.93
C ASP B 223 -29.52 18.64 7.78
N VAL B 224 -30.57 19.44 7.92
CA VAL B 224 -30.50 20.67 8.65
C VAL B 224 -31.72 20.73 9.58
N THR B 225 -31.53 21.32 10.75
CA THR B 225 -32.64 21.52 11.68
C THR B 225 -32.68 22.98 12.13
N ALA B 226 -33.82 23.41 12.65
CA ALA B 226 -34.03 24.80 13.02
C ALA B 226 -33.99 25.02 14.52
N SER B 227 -33.91 23.90 15.26
CA SER B 227 -34.16 23.90 16.69
C SER B 227 -33.42 22.78 17.44
N LEU B 228 -33.06 23.03 18.70
CA LEU B 228 -32.54 21.96 19.56
C LEU B 228 -33.53 20.78 19.61
N ASP B 229 -34.79 21.08 19.92
CA ASP B 229 -35.88 20.08 19.89
C ASP B 229 -35.89 19.26 18.61
N GLU B 230 -35.58 19.92 17.49
CA GLU B 230 -35.60 19.27 16.20
C GLU B 230 -34.35 18.43 15.97
N THR B 231 -33.19 18.93 16.42
CA THR B 231 -31.96 18.17 16.40
C THR B 231 -32.13 16.84 17.18
N ILE B 232 -32.67 16.94 18.40
CA ILE B 232 -32.98 15.76 19.23
C ILE B 232 -33.99 14.79 18.59
N ALA B 233 -35.06 15.34 18.01
CA ALA B 233 -36.07 14.50 17.36
C ALA B 233 -35.49 13.68 16.22
N LEU B 234 -34.68 14.34 15.38
CA LEU B 234 -34.05 13.68 14.23
C LEU B 234 -33.18 12.50 14.69
N HIS B 235 -32.55 12.63 15.85
CA HIS B 235 -31.69 11.56 16.35
C HIS B 235 -32.45 10.45 17.04
N SER B 236 -33.72 10.70 17.35
CA SER B 236 -34.54 9.75 18.10
C SER B 236 -35.61 9.06 17.26
N ASP B 237 -35.72 9.42 15.98
CA ASP B 237 -36.82 8.92 15.15
C ASP B 237 -36.52 7.61 14.41
N GLY B 238 -35.38 7.00 14.71
CA GLY B 238 -34.99 5.73 14.12
C GLY B 238 -34.17 5.84 12.85
N SER B 239 -34.02 7.05 12.33
CA SER B 239 -33.24 7.27 11.11
C SER B 239 -31.75 6.97 11.32
N GLU B 240 -31.31 7.08 12.55
CA GLU B 240 -29.91 6.84 12.90
C GLU B 240 -29.46 5.39 12.64
N ALA B 241 -30.39 4.44 12.71
CA ALA B 241 -30.13 3.04 12.36
C ALA B 241 -29.84 2.80 10.86
N ARG B 242 -30.16 3.77 10.02
CA ARG B 242 -29.94 3.63 8.57
C ARG B 242 -28.53 4.06 8.15
N TYR B 243 -27.77 4.58 9.11
CA TYR B 243 -26.43 5.08 8.82
C TYR B 243 -25.41 4.51 9.80
N THR B 244 -24.31 4.01 9.26
CA THR B 244 -23.20 3.61 10.10
C THR B 244 -22.44 4.81 10.67
N TYR B 245 -22.39 5.92 9.92
CA TYR B 245 -21.69 7.14 10.36
C TYR B 245 -22.64 8.32 10.53
N SER B 246 -22.52 9.05 11.64
CA SER B 246 -23.36 10.22 11.89
C SER B 246 -22.77 11.21 12.87
N SER B 247 -22.75 12.49 12.49
CA SER B 247 -22.40 13.58 13.40
C SER B 247 -22.98 14.92 12.95
N ALA B 248 -22.95 15.92 13.82
CA ALA B 248 -23.60 17.19 13.51
C ALA B 248 -22.80 18.38 14.02
N TRP B 249 -22.85 19.47 13.25
CA TRP B 249 -22.38 20.76 13.76
CA TRP B 249 -22.39 20.76 13.77
C TRP B 249 -23.54 21.43 14.45
N PHE B 250 -23.23 22.10 15.56
CA PHE B 250 -24.23 22.57 16.50
C PHE B 250 -24.17 24.08 16.65
N ASP B 251 -25.35 24.74 16.71
CA ASP B 251 -25.44 26.17 17.01
C ASP B 251 -25.63 26.36 18.52
N ALA B 252 -24.57 26.81 19.17
CA ALA B 252 -24.54 27.04 20.62
C ALA B 252 -24.51 28.53 20.97
N ILE B 253 -24.77 29.39 19.98
CA ILE B 253 -24.66 30.85 20.18
C ILE B 253 -26.00 31.58 20.14
N SER B 254 -26.84 31.21 19.18
CA SER B 254 -28.16 31.82 19.04
C SER B 254 -29.03 31.53 20.25
N ALA B 255 -29.94 32.46 20.55
CA ALA B 255 -30.91 32.28 21.62
C ALA B 255 -31.98 31.27 21.18
N PRO B 256 -32.63 30.59 22.15
CA PRO B 256 -33.75 29.70 21.82
C PRO B 256 -34.84 30.45 21.06
N PRO B 257 -35.57 29.77 20.14
CA PRO B 257 -35.48 28.34 19.84
C PRO B 257 -34.48 27.96 18.73
N LYS B 258 -33.69 28.93 18.26
CA LYS B 258 -32.65 28.68 17.24
C LYS B 258 -31.52 27.85 17.84
N LEU B 259 -31.23 28.10 19.11
CA LEU B 259 -30.24 27.33 19.86
C LEU B 259 -30.42 25.83 19.60
N GLY B 260 -29.31 25.17 19.30
CA GLY B 260 -29.31 23.73 19.13
C GLY B 260 -29.68 23.24 17.76
N ARG B 261 -29.90 24.17 16.83
CA ARG B 261 -30.10 23.80 15.43
C ARG B 261 -28.80 23.25 14.88
N ALA B 262 -28.89 22.34 13.92
CA ALA B 262 -27.73 21.59 13.48
C ALA B 262 -27.61 21.37 11.97
N ALA B 263 -26.36 21.29 11.51
CA ALA B 263 -26.05 20.68 10.23
C ALA B 263 -25.59 19.25 10.52
N VAL B 264 -26.35 18.27 10.07
CA VAL B 264 -26.03 16.88 10.35
C VAL B 264 -25.59 16.14 9.08
N SER B 265 -24.46 15.45 9.19
CA SER B 265 -23.88 14.72 8.08
C SER B 265 -23.90 13.23 8.41
N ARG B 266 -24.61 12.45 7.59
CA ARG B 266 -24.76 11.02 7.85
C ARG B 266 -24.50 10.22 6.59
N GLY B 267 -24.01 8.99 6.75
CA GLY B 267 -23.74 8.14 5.60
C GLY B 267 -23.10 6.81 5.94
N ARG B 268 -22.55 6.17 4.91
CA ARG B 268 -21.94 4.85 5.02
C ARG B 268 -20.91 4.68 3.91
N LEU B 269 -20.11 3.62 4.00
CA LEU B 269 -19.16 3.32 2.97
C LEU B 269 -19.91 2.90 1.71
N ALA B 270 -19.43 3.41 0.56
CA ALA B 270 -19.99 3.08 -0.74
C ALA B 270 -19.52 1.70 -1.21
N THR B 271 -20.36 1.04 -2.01
CA THR B 271 -19.96 -0.13 -2.82
C THR B 271 -19.49 0.38 -4.18
N VAL B 272 -18.76 -0.45 -4.92
CA VAL B 272 -18.15 -0.01 -6.18
C VAL B 272 -19.16 0.40 -7.27
N GLU B 273 -20.31 -0.29 -7.28
CA GLU B 273 -21.43 0.04 -8.16
C GLU B 273 -21.95 1.47 -7.97
N GLN B 274 -21.83 1.99 -6.75
CA GLN B 274 -22.34 3.33 -6.43
C GLN B 274 -21.40 4.47 -6.87
N LEU B 275 -20.23 4.10 -7.38
CA LEU B 275 -19.30 5.08 -7.91
C LEU B 275 -19.46 5.26 -9.42
N PRO B 276 -19.26 6.50 -9.91
CA PRO B 276 -19.11 6.72 -11.36
C PRO B 276 -17.91 5.95 -11.92
N ALA B 277 -18.05 5.51 -13.18
CA ALA B 277 -17.08 4.62 -13.84
C ALA B 277 -15.61 5.05 -13.71
N LYS B 278 -15.38 6.35 -13.57
CA LYS B 278 -14.01 6.88 -13.45
C LYS B 278 -13.38 6.54 -12.10
N LEU B 279 -14.21 6.12 -11.14
CA LEU B 279 -13.72 5.69 -9.84
C LEU B 279 -13.66 4.17 -9.69
N ARG B 280 -14.45 3.46 -10.50
CA ARG B 280 -14.53 2.00 -10.45
C ARG B 280 -13.25 1.30 -10.87
N SER B 281 -12.40 2.03 -11.60
CA SER B 281 -11.08 1.53 -11.97
C SER B 281 -10.23 1.31 -10.72
N GLU B 282 -10.10 2.36 -9.90
CA GLU B 282 -9.33 2.30 -8.65
C GLU B 282 -10.20 2.73 -7.46
N PRO B 283 -11.19 1.90 -7.07
CA PRO B 283 -12.21 2.32 -6.08
C PRO B 283 -11.68 2.47 -4.64
N LEU B 284 -10.49 1.95 -4.39
CA LEU B 284 -9.91 1.97 -3.05
C LEU B 284 -8.83 3.05 -2.92
N LYS B 285 -8.76 3.93 -3.92
CA LYS B 285 -7.71 4.94 -4.00
C LYS B 285 -8.02 6.12 -3.09
N PHE B 286 -6.99 6.68 -2.45
CA PHE B 286 -7.13 7.93 -1.71
C PHE B 286 -5.87 8.80 -1.83
N ASP B 287 -6.03 10.00 -2.39
CA ASP B 287 -4.95 10.97 -2.49
C ASP B 287 -4.91 11.95 -1.30
N ALA B 288 -3.83 12.72 -1.22
CA ALA B 288 -3.61 13.69 -0.13
C ALA B 288 -4.78 14.68 0.04
N PRO B 289 -5.08 15.05 1.31
CA PRO B 289 -6.19 15.97 1.62
C PRO B 289 -6.01 17.35 1.00
N GLU B 313 -35.93 30.76 5.74
CA GLU B 313 -36.60 29.69 6.48
C GLU B 313 -36.61 28.41 5.64
N LEU B 314 -37.45 28.41 4.61
CA LEU B 314 -37.55 27.32 3.64
C LEU B 314 -36.26 27.14 2.83
N TRP B 315 -35.61 28.23 2.50
CA TRP B 315 -34.35 28.18 1.76
C TRP B 315 -33.27 27.50 2.57
N TYR B 316 -33.16 27.89 3.83
CA TYR B 316 -32.22 27.29 4.78
C TYR B 316 -32.25 25.75 4.75
N ARG B 317 -33.47 25.20 4.80
CA ARG B 317 -33.68 23.75 4.71
C ARG B 317 -33.20 23.14 3.39
N LYS B 318 -33.79 23.60 2.28
CA LYS B 318 -33.40 23.15 0.93
C LYS B 318 -31.90 23.22 0.71
N SER B 319 -31.29 24.32 1.15
CA SER B 319 -29.86 24.59 0.96
C SER B 319 -28.95 23.55 1.62
N GLY B 320 -29.25 23.16 2.84
CA GLY B 320 -28.42 22.19 3.56
C GLY B 320 -28.96 20.77 3.57
N THR B 321 -29.83 20.44 2.60
CA THR B 321 -30.39 19.09 2.47
C THR B 321 -29.91 18.44 1.19
N TYR B 322 -29.30 17.26 1.31
CA TYR B 322 -28.87 16.47 0.15
C TYR B 322 -28.98 14.97 0.41
N ARG B 323 -29.09 14.22 -0.70
CA ARG B 323 -29.21 12.77 -0.66
C ARG B 323 -28.26 12.09 -1.64
N GLY B 324 -27.48 11.12 -1.14
CA GLY B 324 -26.66 10.26 -1.99
C GLY B 324 -25.42 10.89 -2.56
N LYS B 325 -24.88 11.89 -1.85
CA LYS B 325 -23.66 12.56 -2.29
C LYS B 325 -22.43 11.66 -2.10
N VAL B 326 -21.65 11.48 -3.15
CA VAL B 326 -20.43 10.68 -3.10
C VAL B 326 -19.29 11.54 -2.57
N GLN B 327 -18.71 11.14 -1.45
CA GLN B 327 -17.67 11.94 -0.80
C GLN B 327 -16.50 11.07 -0.39
N ASN B 328 -15.28 11.61 -0.50
CA ASN B 328 -14.11 10.95 0.09
C ASN B 328 -14.05 11.20 1.60
N LEU B 329 -13.04 10.66 2.25
CA LEU B 329 -12.94 10.81 3.70
C LEU B 329 -12.83 12.28 4.10
N THR B 330 -11.96 13.04 3.41
CA THR B 330 -11.77 14.46 3.71
C THR B 330 -13.08 15.27 3.56
N GLN B 331 -13.79 15.04 2.48
CA GLN B 331 -15.09 15.67 2.23
C GLN B 331 -16.15 15.23 3.24
N PHE B 332 -16.16 13.94 3.58
CA PHE B 332 -17.15 13.40 4.52
C PHE B 332 -16.85 13.81 5.96
N TYR B 333 -15.56 13.88 6.30
CA TYR B 333 -15.11 14.36 7.61
C TYR B 333 -14.78 15.85 7.56
N GLY B 350 -5.60 30.33 22.17
CA GLY B 350 -6.38 30.58 23.38
C GLY B 350 -7.76 29.95 23.32
N PHE B 351 -7.81 28.64 23.47
CA PHE B 351 -9.07 27.87 23.42
C PHE B 351 -9.10 26.73 24.44
N LEU B 352 -10.21 26.62 25.16
CA LEU B 352 -10.44 25.49 26.03
C LEU B 352 -11.52 24.63 25.40
N GLN B 353 -11.13 23.42 25.02
CA GLN B 353 -12.02 22.44 24.41
C GLN B 353 -12.66 21.61 25.52
N TYR B 354 -13.97 21.46 25.45
CA TYR B 354 -14.72 20.81 26.52
C TYR B 354 -15.66 19.79 25.91
N GLN B 355 -15.50 18.53 26.31
CA GLN B 355 -16.34 17.45 25.79
C GLN B 355 -17.02 16.63 26.90
N PHE B 356 -18.31 16.41 26.73
CA PHE B 356 -19.05 15.62 27.70
C PHE B 356 -20.14 14.80 27.03
N VAL B 357 -20.62 13.79 27.73
CA VAL B 357 -21.74 13.00 27.27
C VAL B 357 -22.78 12.92 28.39
N ILE B 358 -24.05 13.07 28.01
CA ILE B 358 -25.17 12.96 28.94
C ILE B 358 -25.95 11.71 28.53
N PRO B 359 -26.28 10.83 29.51
CA PRO B 359 -26.97 9.58 29.19
C PRO B 359 -28.28 9.84 28.44
N THR B 360 -28.63 8.96 27.51
CA THR B 360 -29.79 9.15 26.64
C THR B 360 -31.06 9.60 27.38
N GLU B 361 -31.38 8.90 28.48
CA GLU B 361 -32.61 9.15 29.27
C GLU B 361 -32.71 10.57 29.79
N ALA B 362 -31.55 11.19 30.02
CA ALA B 362 -31.51 12.51 30.63
C ALA B 362 -31.53 13.62 29.57
N VAL B 363 -32.39 13.44 28.56
CA VAL B 363 -32.50 14.40 27.45
C VAL B 363 -32.85 15.84 27.91
N ASP B 364 -33.86 15.97 28.77
CA ASP B 364 -34.27 17.29 29.27
C ASP B 364 -33.12 18.05 29.94
N GLU B 365 -32.34 17.33 30.73
CA GLU B 365 -31.18 17.90 31.42
C GLU B 365 -30.10 18.29 30.43
N PHE B 366 -29.93 17.48 29.39
CA PHE B 366 -29.00 17.81 28.31
C PHE B 366 -29.37 19.15 27.65
N LYS B 367 -30.66 19.29 27.29
CA LYS B 367 -31.21 20.57 26.79
C LYS B 367 -30.89 21.74 27.70
N LYS B 368 -31.09 21.54 29.01
CA LYS B 368 -30.79 22.57 29.99
C LYS B 368 -29.33 23.01 29.96
N ILE B 369 -28.39 22.05 29.88
CA ILE B 369 -26.96 22.38 29.85
C ILE B 369 -26.59 23.21 28.61
N ILE B 370 -27.18 22.86 27.47
CA ILE B 370 -26.99 23.63 26.25
C ILE B 370 -27.45 25.08 26.44
N GLY B 371 -28.66 25.26 26.99
CA GLY B 371 -29.17 26.59 27.34
C GLY B 371 -28.24 27.38 28.25
N VAL B 372 -27.69 26.69 29.25
CA VAL B 372 -26.76 27.30 30.19
C VAL B 372 -25.53 27.85 29.47
N ILE B 373 -24.99 27.06 28.53
CA ILE B 373 -23.78 27.44 27.79
C ILE B 373 -24.00 28.73 26.98
N GLN B 374 -25.09 28.78 26.23
CA GLN B 374 -25.36 29.94 25.38
C GLN B 374 -25.62 31.21 26.20
N ALA B 375 -26.29 31.06 27.34
CA ALA B 375 -26.66 32.19 28.17
C ALA B 375 -25.48 32.70 29.00
N SER B 376 -24.38 31.96 28.99
CA SER B 376 -23.22 32.27 29.83
C SER B 376 -22.38 33.41 29.27
N GLY B 377 -22.56 33.69 27.98
CA GLY B 377 -21.73 34.67 27.28
C GLY B 377 -20.44 34.07 26.75
N HIS B 378 -20.26 32.77 26.99
CA HIS B 378 -19.10 32.07 26.46
C HIS B 378 -19.45 31.43 25.15
N TYR B 379 -18.87 31.98 24.08
CA TYR B 379 -19.31 31.66 22.73
C TYR B 379 -18.40 30.65 22.03
N SER B 380 -19.02 29.59 21.51
CA SER B 380 -18.28 28.54 20.83
C SER B 380 -18.89 28.34 19.47
N PHE B 381 -18.05 28.39 18.43
CA PHE B 381 -18.48 28.23 17.04
C PHE B 381 -18.36 26.78 16.57
N LEU B 382 -17.26 26.13 16.96
CA LEU B 382 -16.92 24.76 16.54
C LEU B 382 -17.55 23.76 17.51
N ASN B 383 -18.79 23.34 17.23
CA ASN B 383 -19.53 22.48 18.16
C ASN B 383 -19.98 21.17 17.51
N VAL B 384 -19.37 20.06 17.95
CA VAL B 384 -19.73 18.75 17.41
C VAL B 384 -20.76 18.04 18.29
N PHE B 385 -21.75 17.44 17.64
CA PHE B 385 -22.85 16.75 18.30
C PHE B 385 -22.98 15.35 17.71
N LYS B 386 -23.27 14.36 18.55
CA LYS B 386 -23.41 12.98 18.14
C LYS B 386 -24.11 12.15 19.23
N LEU B 387 -24.99 11.25 18.82
CA LEU B 387 -25.59 10.31 19.75
C LEU B 387 -24.74 9.02 19.78
N PHE B 388 -24.09 8.76 20.92
CA PHE B 388 -23.27 7.55 21.14
C PHE B 388 -24.14 6.31 21.26
N GLY B 389 -23.62 5.17 20.81
CA GLY B 389 -24.26 3.87 20.97
C GLY B 389 -23.82 3.19 22.26
N PRO B 390 -24.01 1.86 22.36
CA PRO B 390 -23.66 1.10 23.58
C PRO B 390 -22.18 1.21 23.99
N ARG B 391 -21.94 1.10 25.30
CA ARG B 391 -20.58 1.15 25.83
CA ARG B 391 -20.58 1.14 25.84
C ARG B 391 -19.90 -0.21 25.69
N ASN B 392 -18.59 -0.25 25.95
CA ASN B 392 -17.84 -1.51 25.96
C ASN B 392 -17.41 -1.84 27.39
N GLN B 393 -16.64 -2.90 27.57
CA GLN B 393 -16.32 -3.34 28.93
C GLN B 393 -15.14 -2.67 29.64
N ALA B 394 -14.50 -1.69 29.00
CA ALA B 394 -13.36 -1.01 29.64
C ALA B 394 -13.84 -0.08 30.77
N PRO B 395 -13.35 -0.32 32.01
CA PRO B 395 -13.79 0.46 33.18
C PRO B 395 -13.73 1.97 32.96
N LEU B 396 -12.68 2.46 32.32
CA LEU B 396 -12.52 3.92 32.13
C LEU B 396 -12.86 4.41 30.72
N SER B 397 -13.57 3.60 29.93
CA SER B 397 -14.02 4.02 28.60
C SER B 397 -14.95 5.21 28.73
N PHE B 398 -14.68 6.27 27.95
CA PHE B 398 -15.48 7.49 27.97
C PHE B 398 -16.91 7.32 27.43
N PRO B 399 -17.07 6.73 26.23
CA PRO B 399 -18.42 6.68 25.69
C PRO B 399 -19.39 5.83 26.50
N ILE B 400 -20.59 6.37 26.71
CA ILE B 400 -21.75 5.63 27.17
C ILE B 400 -22.89 6.10 26.26
N PRO B 401 -23.99 5.32 26.18
CA PRO B 401 -25.04 5.75 25.24
C PRO B 401 -25.63 7.10 25.66
N GLY B 402 -25.84 7.99 24.68
CA GLY B 402 -26.32 9.32 25.00
C GLY B 402 -25.72 10.48 24.20
N TRP B 403 -25.91 11.68 24.73
CA TRP B 403 -25.70 12.90 23.97
C TRP B 403 -24.34 13.43 24.22
N ASN B 404 -23.51 13.31 23.19
CA ASN B 404 -22.14 13.71 23.22
C ASN B 404 -21.96 15.05 22.52
N ILE B 405 -21.21 15.93 23.17
CA ILE B 405 -20.98 17.30 22.75
C ILE B 405 -19.52 17.71 22.93
N CYS B 406 -18.95 18.27 21.88
CA CYS B 406 -17.70 19.00 22.02
CA CYS B 406 -17.68 18.98 21.94
C CYS B 406 -17.92 20.47 21.69
N VAL B 407 -17.41 21.31 22.58
CA VAL B 407 -17.47 22.76 22.42
C VAL B 407 -16.06 23.35 22.56
N ASP B 408 -15.86 24.50 21.94
CA ASP B 408 -14.56 25.15 21.94
C ASP B 408 -14.69 26.59 22.42
N PHE B 409 -14.36 26.83 23.69
CA PHE B 409 -14.48 28.15 24.29
C PHE B 409 -13.18 28.94 24.17
N PRO B 410 -13.26 30.19 23.67
CA PRO B 410 -12.12 31.09 23.67
C PRO B 410 -11.74 31.41 25.11
N ILE B 411 -10.45 31.31 25.42
CA ILE B 411 -9.99 31.67 26.76
C ILE B 411 -10.27 33.16 27.02
N LYS B 412 -11.18 33.42 27.95
CA LYS B 412 -11.46 34.78 28.43
C LYS B 412 -11.90 34.72 29.89
N ASP B 413 -12.10 35.90 30.49
CA ASP B 413 -12.34 36.03 31.92
C ASP B 413 -13.60 35.32 32.43
N GLY B 414 -13.44 34.55 33.50
CA GLY B 414 -14.52 33.80 34.12
C GLY B 414 -14.70 32.38 33.60
N LEU B 415 -14.01 32.04 32.51
CA LEU B 415 -14.21 30.76 31.82
C LEU B 415 -14.01 29.55 32.74
N GLY B 416 -12.91 29.58 33.49
CA GLY B 416 -12.57 28.54 34.47
C GLY B 416 -13.67 28.28 35.48
N LYS B 417 -14.22 29.36 36.03
CA LYS B 417 -15.36 29.29 36.96
C LYS B 417 -16.58 28.69 36.28
N PHE B 418 -16.82 29.08 35.02
CA PHE B 418 -17.97 28.58 34.29
C PHE B 418 -17.89 27.09 33.94
N VAL B 419 -16.71 26.61 33.55
CA VAL B 419 -16.57 25.20 33.19
C VAL B 419 -16.69 24.27 34.41
N SER B 420 -16.23 24.74 35.56
CA SER B 420 -16.45 24.06 36.84
C SER B 420 -17.93 23.87 37.14
N GLU B 421 -18.72 24.89 36.82
CA GLU B 421 -20.18 24.82 36.97
C GLU B 421 -20.78 23.82 35.98
N LEU B 422 -20.25 23.81 34.76
CA LEU B 422 -20.66 22.80 33.78
C LEU B 422 -20.35 21.40 34.27
N ASP B 423 -19.10 21.19 34.70
CA ASP B 423 -18.67 19.93 35.31
C ASP B 423 -19.70 19.38 36.29
N ARG B 424 -20.12 20.23 37.21
CA ARG B 424 -21.02 19.82 38.28
C ARG B 424 -22.38 19.43 37.74
N ARG B 425 -22.82 20.10 36.66
CA ARG B 425 -24.09 19.73 35.99
C ARG B 425 -23.99 18.38 35.28
N VAL B 426 -22.90 18.19 34.53
CA VAL B 426 -22.63 16.92 33.83
C VAL B 426 -22.60 15.79 34.87
N LEU B 427 -21.88 16.03 35.97
CA LEU B 427 -21.84 15.11 37.11
C LEU B 427 -23.23 14.82 37.66
N GLU B 428 -23.96 15.88 37.99
CA GLU B 428 -25.32 15.77 38.51
C GLU B 428 -26.17 14.84 37.65
N PHE B 429 -26.08 15.01 36.34
CA PHE B 429 -26.98 14.30 35.44
C PHE B 429 -26.48 12.92 35.00
N GLY B 430 -25.40 12.44 35.62
CA GLY B 430 -24.89 11.09 35.34
C GLY B 430 -23.99 11.00 34.12
N GLY B 431 -23.44 12.13 33.69
CA GLY B 431 -22.56 12.16 32.52
C GLY B 431 -21.10 12.14 32.91
N ARG B 432 -20.23 12.32 31.92
CA ARG B 432 -18.79 12.36 32.17
C ARG B 432 -18.01 13.25 31.20
N LEU B 433 -16.84 13.69 31.65
CA LEU B 433 -15.83 14.30 30.78
C LEU B 433 -14.90 13.25 30.19
N TYR B 434 -14.15 13.65 29.17
CA TYR B 434 -13.22 12.78 28.43
C TYR B 434 -11.77 13.11 28.79
N THR B 435 -10.99 12.11 29.23
CA THR B 435 -9.56 12.31 29.57
C THR B 435 -8.73 12.95 28.43
N ALA B 436 -9.07 12.60 27.18
CA ALA B 436 -8.33 13.08 26.01
C ALA B 436 -8.49 14.58 25.75
N LYS B 437 -9.39 15.21 26.49
CA LYS B 437 -9.67 16.64 26.31
C LYS B 437 -9.44 17.45 27.56
N ASP B 438 -9.43 16.77 28.72
CA ASP B 438 -9.41 17.44 30.02
C ASP B 438 -8.02 17.56 30.63
N SER B 439 -7.74 18.74 31.18
CA SER B 439 -6.51 18.98 31.93
C SER B 439 -6.80 19.60 33.30
N ARG B 440 -8.05 19.95 33.56
CA ARG B 440 -8.35 20.81 34.72
C ARG B 440 -9.27 20.29 35.82
N THR B 441 -10.05 19.24 35.54
CA THR B 441 -11.03 18.75 36.52
C THR B 441 -10.37 18.02 37.71
N THR B 442 -11.09 17.93 38.83
CA THR B 442 -10.53 17.34 40.06
C THR B 442 -10.67 15.83 40.09
N ALA B 443 -9.89 15.21 40.98
CA ALA B 443 -9.93 13.77 41.22
C ALA B 443 -11.29 13.24 41.67
N GLU B 444 -12.00 14.00 42.52
CA GLU B 444 -13.32 13.56 43.02
C GLU B 444 -14.42 13.67 41.95
N THR B 445 -14.33 14.68 41.10
CA THR B 445 -15.25 14.79 39.97
C THR B 445 -15.05 13.60 39.04
N PHE B 446 -13.80 13.36 38.63
CA PHE B 446 -13.48 12.20 37.80
C PHE B 446 -13.96 10.88 38.39
N HIS B 447 -13.63 10.64 39.67
CA HIS B 447 -14.00 9.39 40.33
C HIS B 447 -15.49 9.18 40.38
N ALA B 448 -16.23 10.25 40.61
CA ALA B 448 -17.71 10.19 40.64
C ALA B 448 -18.30 9.98 39.25
N MET B 449 -17.63 10.52 38.23
CA MET B 449 -18.05 10.35 36.84
C MET B 449 -17.81 8.93 36.34
N TYR B 450 -16.80 8.25 36.90
CA TYR B 450 -16.46 6.90 36.48
C TYR B 450 -16.58 5.90 37.64
N PRO B 451 -17.79 5.34 37.86
CA PRO B 451 -18.07 4.46 39.01
C PRO B 451 -17.26 3.17 39.06
N ARG B 452 -16.63 2.79 37.94
CA ARG B 452 -15.84 1.57 37.90
C ARG B 452 -14.35 1.86 38.11
N VAL B 453 -14.04 3.05 38.63
CA VAL B 453 -12.65 3.50 38.73
C VAL B 453 -11.83 2.75 39.78
N ASP B 454 -12.43 2.41 40.91
CA ASP B 454 -11.72 1.70 41.97
C ASP B 454 -11.46 0.27 41.55
N GLU B 455 -12.41 -0.34 40.84
CA GLU B 455 -12.21 -1.62 40.17
C GLU B 455 -11.01 -1.54 39.22
N TRP B 456 -10.95 -0.46 38.43
CA TRP B 456 -9.82 -0.23 37.54
C TRP B 456 -8.53 -0.04 38.28
N ILE B 457 -8.54 0.79 39.33
CA ILE B 457 -7.35 1.07 40.13
C ILE B 457 -6.73 -0.19 40.75
N SER B 458 -7.57 -1.13 41.17
CA SER B 458 -7.08 -2.37 41.75
C SER B 458 -6.38 -3.25 40.71
N VAL B 459 -6.93 -3.29 39.49
CA VAL B 459 -6.31 -4.00 38.37
C VAL B 459 -4.94 -3.38 38.06
N ARG B 460 -4.88 -2.06 38.14
CA ARG B 460 -3.68 -1.28 37.88
C ARG B 460 -2.58 -1.48 38.92
N ARG B 461 -2.98 -1.61 40.19
CA ARG B 461 -2.05 -1.88 41.28
C ARG B 461 -1.58 -3.33 41.22
N LYS B 462 -2.48 -4.22 40.81
CA LYS B 462 -2.16 -5.63 40.59
C LYS B 462 -1.06 -5.81 39.55
N VAL B 463 -0.88 -4.83 38.67
CA VAL B 463 0.06 -4.92 37.56
C VAL B 463 1.23 -3.93 37.65
N ASP B 464 1.05 -2.85 38.41
CA ASP B 464 2.13 -1.87 38.61
C ASP B 464 2.15 -1.39 40.08
N PRO B 465 2.43 -2.33 41.02
CA PRO B 465 2.33 -2.02 42.46
C PRO B 465 3.29 -0.91 42.91
N LEU B 466 4.43 -0.80 42.24
CA LEU B 466 5.50 0.10 42.64
C LEU B 466 5.47 1.45 41.91
N ARG B 467 4.37 1.72 41.19
CA ARG B 467 4.13 2.98 40.46
C ARG B 467 5.23 3.32 39.43
N VAL B 468 5.63 2.31 38.67
CA VAL B 468 6.62 2.50 37.60
C VAL B 468 6.00 3.35 36.47
N PHE B 469 4.68 3.25 36.31
CA PHE B 469 4.00 4.06 35.30
C PHE B 469 3.14 5.16 35.94
N ALA B 470 3.40 6.40 35.52
CA ALA B 470 2.75 7.58 36.08
C ALA B 470 2.85 8.78 35.13
N SER B 471 1.97 9.75 35.34
CA SER B 471 1.86 10.93 34.48
C SER B 471 1.27 12.07 35.29
N ASP B 472 1.25 13.27 34.71
CA ASP B 472 0.63 14.42 35.35
C ASP B 472 -0.88 14.18 35.55
N MET B 473 -1.52 13.53 34.58
CA MET B 473 -2.93 13.18 34.70
C MET B 473 -3.17 12.24 35.86
N ALA B 474 -2.37 11.18 35.94
CA ALA B 474 -2.52 10.17 36.98
C ALA B 474 -2.42 10.75 38.39
N ARG B 475 -1.54 11.73 38.56
CA ARG B 475 -1.32 12.35 39.89
C ARG B 475 -2.48 13.29 40.24
N ARG B 476 -2.87 14.13 39.29
CA ARG B 476 -4.01 15.03 39.44
C ARG B 476 -5.32 14.29 39.73
N LEU B 477 -5.56 13.20 38.99
CA LEU B 477 -6.80 12.45 39.11
C LEU B 477 -6.68 11.28 40.08
N GLU B 478 -5.52 11.16 40.72
CA GLU B 478 -5.23 10.12 41.72
C GLU B 478 -5.60 8.72 41.22
N LEU B 479 -4.99 8.33 40.11
CA LEU B 479 -5.30 7.03 39.51
C LEU B 479 -4.24 5.96 39.79
N LEU B 480 -3.15 6.33 40.46
CA LEU B 480 -2.10 5.38 40.85
C LEU B 480 -2.60 4.34 41.87
PA FAD C . 0.25 -11.77 -21.13
O1A FAD C . 0.97 -11.08 -22.26
O2A FAD C . -1.25 -11.60 -21.05
O5B FAD C . 0.64 -13.31 -21.16
C5B FAD C . 2.01 -13.69 -21.41
C4B FAD C . 2.23 -15.16 -21.11
O4B FAD C . 1.95 -15.35 -19.71
C3B FAD C . 1.28 -16.05 -21.90
O3B FAD C . 1.98 -17.22 -22.31
C2B FAD C . 0.23 -16.42 -20.86
O2B FAD C . -0.46 -17.65 -21.14
C1B FAD C . 1.07 -16.45 -19.60
N9A FAD C . 0.23 -16.27 -18.40
C8A FAD C . -0.38 -15.11 -18.03
N7A FAD C . -1.08 -15.31 -16.90
C5A FAD C . -0.93 -16.59 -16.54
C6A FAD C . -1.39 -17.44 -15.44
N6A FAD C . -2.19 -16.88 -14.51
N1A FAD C . -1.00 -18.74 -15.42
C2A FAD C . -0.21 -19.27 -16.37
N3A FAD C . 0.27 -18.55 -17.41
C4A FAD C . -0.06 -17.24 -17.53
N1 FAD C . 9.71 -8.17 -20.17
C2 FAD C . 10.87 -8.29 -19.49
O2 FAD C . 11.22 -9.44 -19.17
N3 FAD C . 11.63 -7.22 -19.18
C4 FAD C . 11.29 -5.96 -19.51
O4 FAD C . 11.99 -4.98 -19.21
C4X FAD C . 10.05 -5.74 -20.27
N5 FAD C . 9.64 -4.50 -20.66
C5X FAD C . 8.47 -4.35 -21.35
C6 FAD C . 8.04 -3.07 -21.73
C7 FAD C . 6.86 -2.91 -22.46
C7M FAD C . 6.42 -1.52 -22.85
C8 FAD C . 6.02 -4.09 -22.80
C8M FAD C . 4.73 -3.93 -23.57
C9 FAD C . 6.43 -5.36 -22.41
C9A FAD C . 7.63 -5.55 -21.70
N10 FAD C . 8.07 -6.83 -21.30
C10 FAD C . 9.27 -6.96 -20.59
C1' FAD C . 7.30 -8.05 -21.59
C2' FAD C . 6.32 -8.37 -20.47
O2' FAD C . 6.93 -8.14 -19.20
C3' FAD C . 5.89 -9.83 -20.56
O3' FAD C . 5.31 -10.06 -21.86
C4' FAD C . 4.88 -10.28 -19.51
O4' FAD C . 4.71 -11.69 -19.67
C5' FAD C . 3.52 -9.65 -19.72
O5' FAD C . 2.64 -9.94 -18.64
P FAD C . 1.04 -10.02 -18.94
O1P FAD C . 0.32 -10.15 -17.62
O2P FAD C . 0.68 -8.85 -19.84
O3P FAD C . 0.94 -11.43 -19.70
FAJ 38C D . 15.81 -5.20 -18.42
CAI 38C D . 16.15 -4.39 -19.41
FAK 38C D . 16.42 -3.19 -18.92
FAL 38C D . 17.21 -4.85 -20.04
CAH 38C D . 15.03 -4.34 -20.39
CAG 38C D . 14.74 -5.48 -21.13
CAF 38C D . 13.69 -5.48 -22.04
CAM 38C D . 14.28 -3.16 -20.57
CAN 38C D . 13.24 -3.15 -21.51
CAE 38C D . 12.96 -4.31 -22.24
NAD 38C D . 11.95 -4.30 -23.14
NAO 38C D . 12.52 -2.02 -21.70
CAP 38C D . 11.50 -2.03 -22.61
CAC 38C D . 11.22 -3.18 -23.35
CAB 38C D . 10.12 -3.23 -24.37
OBA 38C D . 9.78 -2.19 -24.98
OAA 38C D . 9.56 -4.32 -24.61
NAQ 38C D . 10.77 -0.92 -22.85
CAR 38C D . 10.67 0.17 -22.09
CAS 38C D . 9.88 1.28 -22.68
CAZ 38C D . 9.68 2.49 -22.00
CAY 38C D . 8.93 3.50 -22.61
CAV 38C D . 8.37 3.31 -23.87
OAW 38C D . 7.64 4.30 -24.47
CAX 38C D . 6.20 4.30 -24.42
CAU 38C D . 8.56 2.10 -24.55
CAT 38C D . 9.32 1.09 -23.95
N1 IMD E . 1.41 -13.02 7.64
C2 IMD E . 0.63 -13.41 6.60
N3 IMD E . -0.67 -13.25 6.95
C4 IMD E . -0.72 -12.75 8.20
C5 IMD E . 0.59 -12.60 8.63
PA FAD F . -0.95 10.97 23.00
O1A FAD F . -1.80 12.20 22.95
O2A FAD F . 0.54 11.02 22.75
O5B FAD F . -1.17 10.18 24.36
C5B FAD F . -2.47 10.12 24.95
C4B FAD F . -2.56 8.91 25.87
O4B FAD F . -2.25 7.73 25.11
C3B FAD F . -1.53 9.02 26.99
O3B FAD F . -2.14 8.59 28.21
C2B FAD F . -0.47 8.04 26.60
O2B FAD F . 0.21 7.50 27.73
C1B FAD F . -1.27 6.99 25.84
N9A FAD F . -0.39 6.21 24.95
C8A FAD F . 0.09 6.61 23.75
N7A FAD F . 0.88 5.65 23.21
C5A FAD F . 0.89 4.62 24.07
C6A FAD F . 1.53 3.29 24.12
N6A FAD F . 2.33 2.86 23.10
N1A FAD F . 1.31 2.52 25.20
C2A FAD F . 0.53 2.94 26.22
N3A FAD F . -0.08 4.12 26.25
C4A FAD F . 0.07 5.00 25.22
N1 FAD F . -10.61 11.56 20.16
C2 FAD F . -11.73 10.83 19.95
O2 FAD F . -11.98 9.87 20.71
N3 FAD F . -12.60 11.13 18.96
C4 FAD F . -12.39 12.17 18.12
O4 FAD F . -13.19 12.43 17.20
C4X FAD F . -11.18 13.02 18.28
N5 FAD F . -10.92 14.07 17.47
C5X FAD F . -9.78 14.81 17.65
C6 FAD F . -9.53 15.90 16.81
C7 FAD F . -8.38 16.68 16.99
C7M FAD F . -8.14 17.83 16.05
C8 FAD F . -7.42 16.35 18.09
C8M FAD F . -6.18 17.17 18.30
C9 FAD F . -7.67 15.27 18.93
C9A FAD F . -8.82 14.49 18.75
N10 FAD F . -9.11 13.38 19.61
C10 FAD F . -10.28 12.63 19.39
C1' FAD F . -8.22 13.00 20.71
C2' FAD F . -7.24 11.92 20.24
O2' FAD F . -7.83 11.03 19.28
C3' FAD F . -6.78 11.11 21.44
O3' FAD F . -6.29 12.02 22.42
C4' FAD F . -5.67 10.14 21.08
O4' FAD F . -5.43 9.37 22.24
C5' FAD F . -4.39 10.85 20.61
O5' FAD F . -3.40 9.85 20.28
P FAD F . -1.82 10.16 20.39
O1P FAD F . -1.11 9.06 19.65
O2P FAD F . -1.57 11.60 20.01
O3P FAD F . -1.58 9.91 21.96
#